data_6IJI
#
_entry.id   6IJI
#
_cell.length_a   48.941
_cell.length_b   159.455
_cell.length_c   81.650
_cell.angle_alpha   90.00
_cell.angle_beta   90.00
_cell.angle_gamma   90.00
#
_symmetry.space_group_name_H-M   'P 21 21 21'
#
loop_
_entity.id
_entity.type
_entity.pdbx_description
1 polymer "cAMP and cAMP-inhibited cGMP 3',5'-cyclic phosphodiesterase 10A"
2 non-polymer 'ZINC ION'
3 non-polymer 'MAGNESIUM ION'
4 non-polymer 2-{2-[5-methyl-1-(pyridin-4-yl)-1H-benzimidazol-2-yl]ethyl}-1H-benzo[de]isoquinoline-1,3(2H)-dione
5 water water
#
_entity_poly.entity_id   1
_entity_poly.type   'polypeptide(L)'
_entity_poly.pdbx_seq_one_letter_code
;HMSICTSEEWQGLMQFTLPVRLCKEIELFHFDIGPFENMWPGIFVYMVHRSCGTSCFELEKLCRFIMSVKKNYRRVPYHN
WKHAVTVAHCMYAILQNNHTLFTDLERKGLLIACLCHDLDHRGFSNSYLQKFDHPLAALYSTSTMEQHHFSQTVSILQLE
GHNIFSTLSSSEYEQVLEIIRKAIIATDLALYFGNRKQLEEMYQTGSLNLNNQSHRDRVIGLMMTACDLCSVTKLWPVTK
LTANDIYAEFWAEGDEMKKLGIQPIPMMDRDKKDEVPQGQLGFYNAVAIPCYTTLTQILPPTEPLLKACRDNLSQWEKVI
RGEE
;
_entity_poly.pdbx_strand_id   A,B
#
loop_
_chem_comp.id
_chem_comp.type
_chem_comp.name
_chem_comp.formula
AEL non-polymer 2-{2-[5-methyl-1-(pyridin-4-yl)-1H-benzimidazol-2-yl]ethyl}-1H-benzo[de]isoquinoline-1,3(2H)-dione 'C27 H20 N4 O2'
MG non-polymer 'MAGNESIUM ION' 'Mg 2'
ZN non-polymer 'ZINC ION' 'Zn 2'
#
# COMPACT_ATOMS: atom_id res chain seq x y z
N HIS A 1 -8.34 6.18 30.39
CA HIS A 1 -7.28 6.53 29.38
C HIS A 1 -7.19 5.54 28.20
N MET A 2 -8.29 4.85 27.90
CA MET A 2 -8.35 3.84 26.83
C MET A 2 -9.50 4.17 25.89
N SER A 3 -9.23 4.21 24.59
CA SER A 3 -10.25 4.52 23.58
C SER A 3 -11.20 3.35 23.40
N ILE A 4 -12.46 3.56 23.76
CA ILE A 4 -13.50 2.52 23.62
C ILE A 4 -13.98 2.53 22.17
N CYS A 5 -14.03 1.36 21.55
CA CYS A 5 -14.51 1.23 20.17
C CYS A 5 -16.03 1.29 20.11
N THR A 6 -16.55 1.81 19.00
CA THR A 6 -17.99 1.96 18.79
C THR A 6 -18.62 0.63 18.38
N SER A 7 -19.94 0.54 18.53
CA SER A 7 -20.71 -0.66 18.13
C SER A 7 -20.61 -0.95 16.64
N GLU A 8 -20.67 0.11 15.83
CA GLU A 8 -20.63 0.00 14.35
C GLU A 8 -19.35 -0.67 13.86
N GLU A 9 -18.25 -0.42 14.56
CA GLU A 9 -16.94 -0.99 14.24
C GLU A 9 -16.86 -2.50 14.48
N TRP A 10 -17.23 -2.95 15.69
CA TRP A 10 -17.22 -4.38 16.03
C TRP A 10 -18.41 -5.19 15.51
N GLN A 11 -19.55 -4.54 15.24
CA GLN A 11 -20.69 -5.19 14.56
C GLN A 11 -20.33 -5.60 13.13
N GLY A 12 -19.75 -4.65 12.38
CA GLY A 12 -19.26 -4.89 11.03
C GLY A 12 -18.14 -5.91 10.93
N LEU A 13 -17.40 -6.08 12.03
CA LEU A 13 -16.39 -7.14 12.15
C LEU A 13 -17.00 -8.54 12.34
N MET A 14 -18.08 -8.65 13.12
CA MET A 14 -18.79 -9.93 13.29
C MET A 14 -19.36 -10.42 11.96
N GLN A 15 -19.96 -9.49 11.21
CA GLN A 15 -20.55 -9.79 9.91
C GLN A 15 -19.53 -10.12 8.82
N PHE A 16 -18.30 -9.61 8.97
CA PHE A 16 -17.22 -9.82 7.99
C PHE A 16 -16.99 -11.29 7.63
N THR A 17 -16.94 -11.56 6.33
CA THR A 17 -16.59 -12.86 5.79
C THR A 17 -15.19 -12.73 5.19
N LEU A 18 -14.35 -13.74 5.39
CA LEU A 18 -13.03 -13.76 4.74
C LEU A 18 -13.22 -14.21 3.29
N PRO A 19 -12.68 -13.45 2.32
CA PRO A 19 -12.65 -13.94 0.93
C PRO A 19 -11.90 -15.26 0.78
N VAL A 20 -12.37 -16.11 -0.13
CA VAL A 20 -11.88 -17.49 -0.25
C VAL A 20 -10.46 -17.54 -0.85
N ARG A 21 -10.12 -16.56 -1.69
CA ARG A 21 -8.76 -16.45 -2.25
C ARG A 21 -7.70 -15.95 -1.23
N LEU A 22 -8.13 -15.46 -0.07
CA LEU A 22 -7.24 -15.15 1.04
C LEU A 22 -7.12 -16.28 2.08
N CYS A 23 -8.15 -17.12 2.20
CA CYS A 23 -8.11 -18.32 3.05
C CYS A 23 -6.88 -19.18 2.76
N LYS A 24 -6.54 -19.29 1.48
CA LYS A 24 -5.35 -20.01 1.02
C LYS A 24 -4.07 -19.28 1.42
N GLU A 25 -3.98 -18.00 1.06
CA GLU A 25 -2.73 -17.24 1.18
C GLU A 25 -2.39 -16.72 2.58
N ILE A 26 -3.36 -16.72 3.50
CA ILE A 26 -3.10 -16.36 4.91
C ILE A 26 -2.10 -17.34 5.57
N GLU A 27 -2.14 -18.61 5.19
CA GLU A 27 -1.33 -19.65 5.83
C GLU A 27 0.18 -19.50 5.59
N LEU A 28 0.57 -18.86 4.49
CA LEU A 28 1.97 -18.80 4.06
C LEU A 28 2.75 -17.73 4.83
N PHE A 29 4.00 -18.05 5.19
CA PHE A 29 4.85 -17.14 5.99
C PHE A 29 5.06 -15.78 5.33
N HIS A 30 5.48 -15.80 4.07
CA HIS A 30 5.73 -14.58 3.30
C HIS A 30 4.53 -13.64 3.10
N PHE A 31 3.31 -14.15 3.28
CA PHE A 31 2.06 -13.37 3.14
C PHE A 31 2.13 -11.97 3.71
N ASP A 32 1.83 -10.98 2.85
CA ASP A 32 1.88 -9.57 3.20
C ASP A 32 0.44 -9.09 3.34
N ILE A 33 0.07 -8.72 4.56
CA ILE A 33 -1.27 -8.16 4.84
C ILE A 33 -1.53 -6.80 4.17
N GLY A 34 -0.47 -6.02 3.95
CA GLY A 34 -0.55 -4.61 3.50
C GLY A 34 -1.72 -4.22 2.59
N PRO A 35 -1.87 -4.91 1.44
CA PRO A 35 -2.95 -4.71 0.47
C PRO A 35 -4.41 -4.79 0.94
N PHE A 36 -4.67 -5.38 2.11
CA PHE A 36 -6.03 -5.69 2.56
C PHE A 36 -6.38 -4.94 3.85
N GLU A 37 -6.12 -3.63 3.85
CA GLU A 37 -6.22 -2.79 5.07
C GLU A 37 -7.56 -2.84 5.79
N ASN A 38 -8.66 -2.78 5.03
CA ASN A 38 -10.01 -2.84 5.60
C ASN A 38 -10.36 -4.22 6.17
N MET A 39 -9.67 -5.27 5.69
CA MET A 39 -9.89 -6.64 6.16
C MET A 39 -9.05 -7.08 7.37
N TRP A 40 -8.14 -6.23 7.87
CA TRP A 40 -7.16 -6.68 8.89
C TRP A 40 -7.77 -7.21 10.20
N PRO A 41 -8.76 -6.49 10.77
CA PRO A 41 -9.37 -6.99 12.01
C PRO A 41 -10.01 -8.37 11.85
N GLY A 42 -10.72 -8.58 10.74
CA GLY A 42 -11.34 -9.88 10.44
C GLY A 42 -10.38 -10.99 10.08
N ILE A 43 -9.18 -10.64 9.65
CA ILE A 43 -8.11 -11.61 9.39
C ILE A 43 -7.50 -12.10 10.72
N PHE A 44 -7.42 -11.22 11.72
CA PHE A 44 -7.05 -11.66 13.08
C PHE A 44 -8.12 -12.55 13.70
N VAL A 45 -9.40 -12.26 13.42
CA VAL A 45 -10.51 -13.11 13.85
C VAL A 45 -10.35 -14.53 13.25
N TYR A 46 -10.19 -14.58 11.93
CA TYR A 46 -9.96 -15.84 11.20
C TYR A 46 -8.77 -16.63 11.75
N MET A 47 -7.66 -15.94 11.98
CA MET A 47 -6.43 -16.56 12.51
C MET A 47 -6.61 -17.15 13.91
N VAL A 48 -7.41 -16.50 14.75
CA VAL A 48 -7.76 -17.03 16.07
C VAL A 48 -8.60 -18.31 15.92
N HIS A 49 -9.65 -18.24 15.10
CA HIS A 49 -10.57 -19.38 14.89
C HIS A 49 -9.87 -20.62 14.33
N ARG A 50 -8.99 -20.41 13.35
CA ARG A 50 -8.24 -21.51 12.73
C ARG A 50 -7.23 -22.17 13.67
N SER A 51 -6.68 -21.40 14.62
CA SER A 51 -5.69 -21.92 15.57
C SER A 51 -6.37 -22.48 16.82
N CYS A 52 -7.22 -21.66 17.44
CA CYS A 52 -7.83 -21.97 18.73
C CYS A 52 -9.22 -22.62 18.61
N GLY A 53 -10.07 -22.05 17.74
CA GLY A 53 -11.42 -22.58 17.49
C GLY A 53 -12.49 -21.49 17.46
N THR A 54 -13.67 -21.84 16.96
CA THR A 54 -14.79 -20.90 16.82
C THR A 54 -15.40 -20.52 18.18
N SER A 55 -15.48 -21.51 19.08
CA SER A 55 -15.98 -21.28 20.44
C SER A 55 -14.86 -21.00 21.47
N CYS A 56 -13.68 -20.62 20.98
CA CYS A 56 -12.54 -20.26 21.85
C CYS A 56 -12.84 -19.01 22.66
N PHE A 57 -13.19 -17.94 21.95
CA PHE A 57 -13.64 -16.69 22.56
C PHE A 57 -15.06 -16.39 22.11
N GLU A 58 -15.83 -15.73 22.97
CA GLU A 58 -17.18 -15.28 22.65
C GLU A 58 -17.07 -14.17 21.61
N LEU A 59 -17.49 -14.46 20.38
CA LEU A 59 -17.25 -13.60 19.21
C LEU A 59 -17.62 -12.12 19.40
N GLU A 60 -18.65 -11.85 20.19
CA GLU A 60 -19.05 -10.47 20.52
C GLU A 60 -17.96 -9.75 21.34
N LYS A 61 -17.39 -10.45 22.32
CA LYS A 61 -16.32 -9.91 23.17
C LYS A 61 -15.02 -9.71 22.40
N LEU A 62 -14.62 -10.72 21.65
CA LEU A 62 -13.40 -10.70 20.84
C LEU A 62 -13.36 -9.52 19.86
N CYS A 63 -14.50 -9.23 19.23
CA CYS A 63 -14.59 -8.13 18.28
C CYS A 63 -14.48 -6.75 18.94
N ARG A 64 -14.91 -6.61 20.19
CA ARG A 64 -14.69 -5.39 20.97
C ARG A 64 -13.21 -5.21 21.29
N PHE A 65 -12.56 -6.30 21.71
CA PHE A 65 -11.13 -6.33 22.02
C PHE A 65 -10.29 -5.86 20.84
N ILE A 66 -10.52 -6.45 19.67
CA ILE A 66 -9.74 -6.17 18.46
C ILE A 66 -9.89 -4.71 18.04
N MET A 67 -11.14 -4.24 17.92
CA MET A 67 -11.40 -2.87 17.46
C MET A 67 -11.06 -1.78 18.49
N SER A 68 -10.99 -2.15 19.78
CA SER A 68 -10.47 -1.24 20.81
C SER A 68 -8.94 -1.25 20.88
N VAL A 69 -8.31 -2.37 20.51
CA VAL A 69 -6.85 -2.46 20.35
C VAL A 69 -6.41 -1.53 19.20
N LYS A 70 -7.02 -1.74 18.03
CA LYS A 70 -6.81 -0.89 16.84
C LYS A 70 -6.89 0.62 17.16
N LYS A 71 -7.87 0.98 17.98
CA LYS A 71 -8.12 2.38 18.37
C LYS A 71 -7.02 2.93 19.29
N ASN A 72 -6.44 2.07 20.13
CA ASN A 72 -5.37 2.47 21.06
C ASN A 72 -3.97 2.58 20.43
N TYR A 73 -3.77 2.00 19.25
CA TYR A 73 -2.52 2.20 18.48
C TYR A 73 -2.51 3.60 17.88
N ARG A 74 -1.35 4.25 17.92
CA ARG A 74 -1.18 5.59 17.39
C ARG A 74 -0.87 5.51 15.90
N ARG A 75 -0.74 6.68 15.26
CA ARG A 75 -0.48 6.75 13.81
C ARG A 75 0.93 7.28 13.53
N VAL A 76 1.91 6.56 14.11
CA VAL A 76 3.34 6.76 13.83
C VAL A 76 3.70 6.01 12.55
N PRO A 77 4.93 6.20 12.02
CA PRO A 77 5.25 5.56 10.73
C PRO A 77 5.32 4.03 10.71
N TYR A 78 5.80 3.40 11.78
CA TYR A 78 6.06 1.95 11.80
C TYR A 78 5.33 1.17 12.91
N HIS A 79 5.59 1.52 14.16
CA HIS A 79 4.98 0.83 15.30
C HIS A 79 3.49 1.21 15.48
N ASN A 80 2.64 0.65 14.63
CA ASN A 80 1.23 1.06 14.52
C ASN A 80 0.29 -0.16 14.37
N TRP A 81 -0.98 0.10 14.03
CA TRP A 81 -1.97 -0.98 13.83
C TRP A 81 -1.55 -2.03 12.79
N LYS A 82 -0.97 -1.57 11.67
CA LYS A 82 -0.45 -2.45 10.61
C LYS A 82 0.61 -3.43 11.13
N HIS A 83 1.51 -2.92 11.96
CA HIS A 83 2.59 -3.72 12.55
C HIS A 83 2.06 -4.87 13.40
N ALA A 84 1.06 -4.57 14.24
CA ALA A 84 0.41 -5.54 15.12
C ALA A 84 -0.09 -6.79 14.42
N VAL A 85 -0.69 -6.63 13.24
CA VAL A 85 -1.27 -7.75 12.50
C VAL A 85 -0.21 -8.52 11.71
N THR A 86 0.78 -7.81 11.16
CA THR A 86 1.90 -8.46 10.46
C THR A 86 2.70 -9.41 11.39
N VAL A 87 2.89 -8.96 12.63
CA VAL A 87 3.57 -9.74 13.67
C VAL A 87 2.66 -10.89 14.14
N ALA A 88 1.38 -10.60 14.35
CA ALA A 88 0.37 -11.60 14.74
C ALA A 88 0.15 -12.67 13.66
N HIS A 89 0.29 -12.28 12.39
CA HIS A 89 0.22 -13.24 11.30
C HIS A 89 1.43 -14.17 11.25
N CYS A 90 2.62 -13.65 11.55
CA CYS A 90 3.82 -14.50 11.56
C CYS A 90 3.69 -15.58 12.64
N MET A 91 3.22 -15.18 13.83
CA MET A 91 2.94 -16.12 14.91
C MET A 91 1.94 -17.20 14.46
N TYR A 92 0.83 -16.77 13.86
CA TYR A 92 -0.16 -17.70 13.31
C TYR A 92 0.52 -18.75 12.41
N ALA A 93 1.31 -18.29 11.45
CA ALA A 93 2.02 -19.18 10.52
C ALA A 93 3.03 -20.12 11.18
N ILE A 94 3.65 -19.69 12.28
CA ILE A 94 4.53 -20.56 13.08
C ILE A 94 3.68 -21.58 13.84
N LEU A 95 2.68 -21.10 14.58
CA LEU A 95 1.79 -21.94 15.40
C LEU A 95 1.09 -23.03 14.56
N GLN A 96 0.65 -22.67 13.36
CA GLN A 96 0.05 -23.64 12.42
C GLN A 96 1.00 -24.77 12.05
N ASN A 97 2.26 -24.42 11.79
CA ASN A 97 3.29 -25.40 11.41
C ASN A 97 3.92 -26.18 12.59
N ASN A 98 3.61 -25.79 13.83
CA ASN A 98 4.05 -26.52 15.03
C ASN A 98 2.90 -26.56 16.07
N HIS A 99 1.73 -27.07 15.68
CA HIS A 99 0.49 -26.86 16.47
C HIS A 99 0.43 -27.57 17.83
N THR A 100 0.50 -28.89 17.85
CA THR A 100 0.43 -29.65 19.12
C THR A 100 1.72 -29.58 19.96
N LEU A 101 2.72 -28.86 19.47
CA LEU A 101 3.90 -28.51 20.27
C LEU A 101 3.58 -27.49 21.39
N PHE A 102 2.49 -26.72 21.24
CA PHE A 102 2.04 -25.75 22.26
C PHE A 102 0.62 -26.06 22.74
N THR A 103 0.25 -25.49 23.87
CA THR A 103 -1.08 -25.64 24.46
C THR A 103 -2.07 -24.60 23.92
N ASP A 104 -3.36 -24.86 24.16
CA ASP A 104 -4.44 -23.98 23.70
C ASP A 104 -4.43 -22.65 24.43
N LEU A 105 -4.04 -22.67 25.70
CA LEU A 105 -3.85 -21.45 26.48
C LEU A 105 -2.64 -20.64 25.99
N GLU A 106 -1.59 -21.32 25.50
CA GLU A 106 -0.45 -20.63 24.86
C GLU A 106 -0.84 -20.01 23.51
N ARG A 107 -1.56 -20.75 22.69
CA ARG A 107 -2.13 -20.24 21.43
C ARG A 107 -2.96 -18.97 21.63
N LYS A 108 -3.84 -18.98 22.64
CA LYS A 108 -4.63 -17.81 23.01
C LYS A 108 -3.75 -16.61 23.40
N GLY A 109 -2.73 -16.88 24.22
CA GLY A 109 -1.85 -15.82 24.72
C GLY A 109 -1.00 -15.16 23.67
N LEU A 110 -0.30 -15.95 22.86
CA LEU A 110 0.73 -15.44 21.94
C LEU A 110 0.20 -14.59 20.78
N LEU A 111 -0.95 -14.98 20.22
CA LEU A 111 -1.62 -14.19 19.17
C LEU A 111 -2.15 -12.88 19.73
N ILE A 112 -2.84 -12.95 20.87
CA ILE A 112 -3.35 -11.78 21.57
C ILE A 112 -2.20 -10.87 22.02
N ALA A 113 -1.15 -11.47 22.59
CA ALA A 113 0.07 -10.73 22.96
C ALA A 113 0.78 -10.10 21.76
N CYS A 114 0.78 -10.79 20.61
CA CYS A 114 1.31 -10.24 19.36
C CYS A 114 0.51 -9.03 18.86
N LEU A 115 -0.81 -9.12 18.86
CA LEU A 115 -1.68 -8.01 18.42
C LEU A 115 -1.63 -6.81 19.37
N CYS A 116 -1.28 -7.05 20.64
CA CYS A 116 -1.15 -5.98 21.61
C CYS A 116 0.30 -5.60 21.91
N HIS A 117 1.26 -6.20 21.19
CA HIS A 117 2.68 -6.19 21.61
C HIS A 117 3.34 -4.81 21.61
N ASP A 118 2.79 -3.87 20.84
CA ASP A 118 3.25 -2.47 20.82
C ASP A 118 2.10 -1.46 21.07
N LEU A 119 1.16 -1.81 21.94
CA LEU A 119 0.00 -0.92 22.20
C LEU A 119 0.43 0.43 22.74
N ASP A 120 -0.05 1.50 22.10
CA ASP A 120 0.22 2.89 22.49
C ASP A 120 1.73 3.21 22.43
N HIS A 121 2.34 2.90 21.29
CA HIS A 121 3.74 3.23 21.03
C HIS A 121 3.76 4.69 20.59
N ARG A 122 4.59 5.50 21.26
CA ARG A 122 4.61 6.95 21.03
C ARG A 122 5.53 7.36 19.87
N GLY A 123 6.09 6.38 19.15
CA GLY A 123 7.11 6.61 18.12
C GLY A 123 8.54 6.58 18.64
N PHE A 124 8.72 6.51 19.96
CA PHE A 124 10.03 6.72 20.60
C PHE A 124 10.53 5.45 21.28
N SER A 125 11.86 5.27 21.25
CA SER A 125 12.52 4.08 21.79
C SER A 125 12.75 4.22 23.29
N ASN A 126 13.19 3.12 23.92
CA ASN A 126 13.44 3.08 25.36
C ASN A 126 14.49 4.10 25.79
N SER A 127 15.64 4.09 25.12
CA SER A 127 16.78 4.94 25.48
C SER A 127 16.44 6.44 25.46
N TYR A 128 15.65 6.87 24.47
CA TYR A 128 15.19 8.27 24.39
C TYR A 128 14.39 8.67 25.63
N LEU A 129 13.42 7.84 26.01
CA LEU A 129 12.57 8.11 27.18
C LEU A 129 13.33 8.04 28.51
N GLN A 130 14.33 7.15 28.59
CA GLN A 130 15.17 7.02 29.79
C GLN A 130 16.17 8.17 29.95
N LYS A 131 16.79 8.59 28.84
CA LYS A 131 17.78 9.68 28.86
C LYS A 131 17.20 11.08 29.10
N PHE A 132 15.90 11.25 28.85
CA PHE A 132 15.19 12.51 29.14
C PHE A 132 14.10 12.35 30.23
N ASP A 133 14.40 11.51 31.23
CA ASP A 133 13.55 11.32 32.43
C ASP A 133 12.04 11.42 32.19
N HIS A 134 11.52 10.55 31.30
CA HIS A 134 10.10 10.53 30.98
C HIS A 134 9.35 9.79 32.10
N PRO A 135 8.08 10.20 32.40
CA PRO A 135 7.31 9.52 33.46
C PRO A 135 7.18 8.00 33.32
N LEU A 136 7.12 7.49 32.08
CA LEU A 136 7.12 6.05 31.80
C LEU A 136 8.46 5.39 32.15
N ALA A 137 9.56 6.06 31.83
CA ALA A 137 10.92 5.56 32.14
C ALA A 137 11.23 5.55 33.63
N ALA A 138 10.67 6.51 34.37
CA ALA A 138 10.73 6.49 35.83
C ALA A 138 9.92 5.33 36.41
N LEU A 139 8.75 5.07 35.81
CA LEU A 139 7.87 3.96 36.20
C LEU A 139 8.52 2.59 35.93
N TYR A 140 9.29 2.49 34.83
CA TYR A 140 9.92 1.23 34.40
C TYR A 140 11.42 1.44 34.13
N SER A 141 12.28 0.98 35.05
CA SER A 141 13.73 1.19 34.95
C SER A 141 14.35 0.49 33.73
N THR A 142 13.95 -0.76 33.53
CA THR A 142 14.35 -1.55 32.35
C THR A 142 13.09 -1.96 31.58
N SER A 143 13.22 -2.05 30.25
CA SER A 143 12.10 -2.34 29.36
C SER A 143 10.91 -1.39 29.60
N THR A 144 11.05 -0.16 29.10
CA THR A 144 10.12 0.91 29.43
C THR A 144 8.77 0.75 28.71
N MET A 145 8.77 0.87 27.39
CA MET A 145 7.53 0.79 26.60
C MET A 145 6.90 -0.60 26.62
N GLU A 146 7.71 -1.65 26.76
CA GLU A 146 7.20 -3.02 26.78
C GLU A 146 6.29 -3.28 27.97
N GLN A 147 6.69 -2.80 29.16
CA GLN A 147 5.82 -2.87 30.34
C GLN A 147 4.54 -2.03 30.15
N HIS A 148 4.67 -0.86 29.51
CA HIS A 148 3.50 -0.03 29.16
C HIS A 148 2.56 -0.74 28.16
N HIS A 149 3.13 -1.49 27.22
CA HIS A 149 2.33 -2.29 26.29
C HIS A 149 1.51 -3.35 27.02
N PHE A 150 2.15 -4.02 27.99
CA PHE A 150 1.46 -5.01 28.85
C PHE A 150 0.39 -4.37 29.74
N SER A 151 0.65 -3.16 30.25
CA SER A 151 -0.33 -2.43 31.07
C SER A 151 -1.57 -2.05 30.27
N GLN A 152 -1.36 -1.52 29.07
CA GLN A 152 -2.45 -1.16 28.14
C GLN A 152 -3.24 -2.40 27.69
N THR A 153 -2.55 -3.54 27.52
CA THR A 153 -3.20 -4.82 27.21
C THR A 153 -4.18 -5.21 28.31
N VAL A 154 -3.75 -5.08 29.56
CA VAL A 154 -4.56 -5.46 30.73
C VAL A 154 -5.71 -4.46 30.98
N SER A 155 -5.48 -3.19 30.64
CA SER A 155 -6.52 -2.15 30.73
C SER A 155 -7.66 -2.36 29.74
N ILE A 156 -7.33 -2.83 28.53
CA ILE A 156 -8.35 -3.14 27.50
C ILE A 156 -9.31 -4.22 27.97
N LEU A 157 -8.76 -5.32 28.50
CA LEU A 157 -9.55 -6.43 29.04
C LEU A 157 -10.58 -5.97 30.08
N GLN A 158 -10.15 -5.07 30.97
CA GLN A 158 -10.98 -4.59 32.08
C GLN A 158 -12.13 -3.64 31.68
N LEU A 159 -12.21 -3.23 30.41
CA LEU A 159 -13.37 -2.48 29.89
C LEU A 159 -14.62 -3.37 29.78
N GLU A 160 -15.77 -2.74 29.53
CA GLU A 160 -17.07 -3.42 29.53
C GLU A 160 -17.21 -4.41 28.36
N GLY A 161 -17.26 -5.70 28.67
CA GLY A 161 -17.40 -6.75 27.65
C GLY A 161 -16.18 -7.01 26.78
N HIS A 162 -15.02 -6.53 27.21
CA HIS A 162 -13.75 -6.72 26.48
C HIS A 162 -12.93 -7.90 27.00
N ASN A 163 -13.27 -8.43 28.18
CA ASN A 163 -12.49 -9.49 28.81
C ASN A 163 -12.78 -10.84 28.17
N ILE A 164 -12.01 -11.14 27.12
CA ILE A 164 -12.08 -12.44 26.44
C ILE A 164 -11.74 -13.66 27.31
N PHE A 165 -11.03 -13.44 28.43
CA PHE A 165 -10.68 -14.51 29.37
C PHE A 165 -11.62 -14.66 30.57
N SER A 166 -12.84 -14.10 30.50
CA SER A 166 -13.86 -14.30 31.55
C SER A 166 -14.23 -15.78 31.74
N THR A 167 -14.34 -16.52 30.64
CA THR A 167 -14.74 -17.93 30.69
C THR A 167 -13.63 -18.89 31.16
N LEU A 168 -12.39 -18.44 31.20
CA LEU A 168 -11.30 -19.22 31.82
C LEU A 168 -11.43 -19.18 33.34
N SER A 169 -10.91 -20.21 34.00
CA SER A 169 -10.73 -20.21 35.46
C SER A 169 -9.58 -19.27 35.82
N SER A 170 -9.60 -18.76 37.05
CA SER A 170 -8.61 -17.77 37.51
C SER A 170 -7.18 -18.33 37.61
N SER A 171 -7.06 -19.66 37.69
CA SER A 171 -5.78 -20.36 37.53
C SER A 171 -5.19 -20.07 36.14
N GLU A 172 -5.98 -20.36 35.11
CA GLU A 172 -5.57 -20.14 33.72
C GLU A 172 -5.63 -18.66 33.30
N TYR A 173 -6.39 -17.84 34.03
CA TYR A 173 -6.43 -16.38 33.83
C TYR A 173 -5.10 -15.71 34.18
N GLU A 174 -4.51 -16.09 35.33
CA GLU A 174 -3.20 -15.57 35.73
C GLU A 174 -2.05 -16.24 34.98
N GLN A 175 -2.28 -17.45 34.44
CA GLN A 175 -1.31 -18.09 33.55
C GLN A 175 -1.24 -17.38 32.20
N VAL A 176 -2.39 -17.11 31.59
CA VAL A 176 -2.44 -16.46 30.28
C VAL A 176 -1.95 -15.00 30.32
N LEU A 177 -2.18 -14.30 31.43
CA LEU A 177 -1.59 -12.97 31.64
C LEU A 177 -0.07 -13.05 31.83
N GLU A 178 0.41 -14.13 32.46
CA GLU A 178 1.86 -14.36 32.63
C GLU A 178 2.57 -14.78 31.33
N ILE A 179 1.89 -15.54 30.48
CA ILE A 179 2.38 -15.86 29.13
C ILE A 179 2.44 -14.58 28.30
N ILE A 180 1.35 -13.80 28.34
CA ILE A 180 1.25 -12.53 27.61
C ILE A 180 2.29 -11.51 28.10
N ARG A 181 2.42 -11.35 29.41
CA ARG A 181 3.41 -10.43 29.99
C ARG A 181 4.82 -10.83 29.55
N LYS A 182 5.17 -12.11 29.74
CA LYS A 182 6.49 -12.64 29.36
C LYS A 182 6.80 -12.47 27.86
N ALA A 183 5.79 -12.66 27.03
CA ALA A 183 5.92 -12.51 25.59
C ALA A 183 6.11 -11.04 25.15
N ILE A 184 5.42 -10.12 25.83
CA ILE A 184 5.52 -8.68 25.52
C ILE A 184 6.86 -8.06 25.99
N ILE A 185 7.42 -8.54 27.09
CA ILE A 185 8.75 -8.08 27.55
C ILE A 185 9.85 -8.65 26.65
N ALA A 186 9.67 -9.89 26.18
CA ALA A 186 10.62 -10.51 25.24
C ALA A 186 10.87 -9.69 23.96
N THR A 187 9.86 -8.93 23.53
CA THR A 187 9.97 -8.09 22.33
C THR A 187 10.95 -6.91 22.45
N ASP A 188 11.33 -6.51 23.67
CA ASP A 188 12.44 -5.58 23.88
C ASP A 188 13.71 -6.24 23.34
N LEU A 189 14.18 -5.77 22.18
CA LEU A 189 15.39 -6.31 21.53
C LEU A 189 16.61 -6.49 22.45
N ALA A 190 16.73 -5.63 23.46
CA ALA A 190 17.79 -5.75 24.47
C ALA A 190 17.96 -7.15 25.07
N LEU A 191 16.85 -7.85 25.28
CA LEU A 191 16.85 -9.19 25.90
C LEU A 191 16.99 -10.34 24.90
N TYR A 192 16.74 -10.08 23.61
CA TYR A 192 16.90 -11.11 22.56
C TYR A 192 18.31 -11.71 22.51
N PHE A 193 19.32 -10.86 22.67
CA PHE A 193 20.72 -11.26 22.46
C PHE A 193 21.15 -12.30 23.48
N GLY A 194 20.83 -12.04 24.75
CA GLY A 194 20.98 -13.03 25.82
C GLY A 194 20.11 -14.25 25.59
N ASN A 195 18.86 -14.02 25.17
CA ASN A 195 17.91 -15.10 24.88
C ASN A 195 18.40 -16.06 23.78
N ARG A 196 18.97 -15.50 22.71
CA ARG A 196 19.44 -16.30 21.58
C ARG A 196 20.66 -17.13 21.94
N LYS A 197 21.67 -16.46 22.51
CA LYS A 197 22.91 -17.11 22.94
C LYS A 197 22.62 -18.28 23.89
N GLN A 198 21.77 -18.03 24.87
CA GLN A 198 21.32 -19.05 25.82
C GLN A 198 20.71 -20.26 25.12
N LEU A 199 19.73 -20.01 24.25
CA LEU A 199 19.07 -21.09 23.47
C LEU A 199 20.01 -21.79 22.49
N GLU A 200 20.99 -21.07 21.95
CA GLU A 200 22.06 -21.67 21.15
C GLU A 200 22.95 -22.55 22.03
N GLU A 201 23.27 -22.06 23.23
CA GLU A 201 24.04 -22.81 24.22
C GLU A 201 23.27 -24.07 24.66
N MET A 202 21.97 -23.91 24.89
CA MET A 202 21.09 -25.03 25.25
C MET A 202 20.90 -26.05 24.12
N TYR A 203 20.87 -25.56 22.87
CA TYR A 203 20.68 -26.43 21.71
C TYR A 203 21.88 -27.35 21.43
N GLN A 204 23.07 -26.75 21.38
CA GLN A 204 24.30 -27.47 20.97
C GLN A 204 24.74 -28.52 21.98
N THR A 205 24.64 -28.21 23.27
CA THR A 205 24.93 -29.19 24.34
C THR A 205 23.97 -30.38 24.33
N GLY A 206 22.70 -30.11 23.96
CA GLY A 206 21.63 -31.10 23.97
C GLY A 206 20.68 -30.95 25.16
N SER A 207 20.91 -29.93 25.99
CA SER A 207 20.16 -29.73 27.24
C SER A 207 18.82 -29.01 27.08
N LEU A 208 18.50 -28.56 25.86
CA LEU A 208 17.20 -27.94 25.57
C LEU A 208 16.09 -29.00 25.60
N ASN A 209 14.90 -28.59 26.01
CA ASN A 209 13.83 -29.50 26.42
C ASN A 209 12.54 -28.69 26.59
N LEU A 210 11.47 -29.11 25.91
CA LEU A 210 10.30 -28.24 25.70
C LEU A 210 9.38 -28.14 26.92
N ASN A 211 9.16 -29.24 27.64
CA ASN A 211 8.34 -29.22 28.86
C ASN A 211 9.11 -28.77 30.12
N ASN A 212 10.41 -28.54 30.00
CA ASN A 212 11.18 -27.74 30.96
C ASN A 212 10.70 -26.28 30.78
N GLN A 213 9.99 -25.76 31.78
CA GLN A 213 9.27 -24.48 31.66
C GLN A 213 10.16 -23.28 31.36
N SER A 214 11.33 -23.22 32.00
CA SER A 214 12.31 -22.15 31.75
C SER A 214 12.79 -22.11 30.30
N HIS A 215 12.94 -23.28 29.67
CA HIS A 215 13.33 -23.39 28.26
C HIS A 215 12.17 -22.98 27.35
N ARG A 216 10.96 -23.42 27.74
CA ARG A 216 9.71 -23.10 27.02
C ARG A 216 9.49 -21.60 26.86
N ASP A 217 9.86 -20.82 27.89
CA ASP A 217 9.71 -19.37 27.87
C ASP A 217 10.74 -18.71 26.94
N ARG A 218 11.97 -19.21 26.98
CA ARG A 218 13.03 -18.75 26.06
C ARG A 218 12.68 -19.04 24.60
N VAL A 219 12.10 -20.22 24.35
CA VAL A 219 11.64 -20.61 23.00
C VAL A 219 10.50 -19.72 22.51
N ILE A 220 9.55 -19.43 23.41
CA ILE A 220 8.45 -18.50 23.11
C ILE A 220 8.96 -17.07 22.94
N GLY A 221 9.98 -16.69 23.70
CA GLY A 221 10.65 -15.40 23.57
C GLY A 221 11.30 -15.18 22.20
N LEU A 222 12.01 -16.19 21.70
CA LEU A 222 12.63 -16.15 20.38
C LEU A 222 11.59 -15.99 19.26
N MET A 223 10.48 -16.73 19.39
CA MET A 223 9.34 -16.63 18.47
C MET A 223 8.76 -15.21 18.42
N MET A 224 8.72 -14.53 19.56
CA MET A 224 8.24 -13.14 19.64
C MET A 224 9.21 -12.10 19.06
N THR A 225 10.50 -12.44 18.91
CA THR A 225 11.46 -11.57 18.21
C THR A 225 11.46 -11.89 16.72
N ALA A 226 11.41 -13.19 16.39
CA ALA A 226 11.24 -13.65 15.00
C ALA A 226 10.00 -13.04 14.35
N CYS A 227 8.89 -13.01 15.09
CA CYS A 227 7.66 -12.38 14.62
C CYS A 227 7.77 -10.85 14.58
N ASP A 228 8.29 -10.25 15.65
CA ASP A 228 8.41 -8.79 15.74
C ASP A 228 9.31 -8.16 14.64
N LEU A 229 10.28 -8.93 14.13
CA LEU A 229 11.11 -8.51 13.00
C LEU A 229 10.73 -9.22 11.68
N CYS A 230 9.52 -9.75 11.56
CA CYS A 230 9.15 -10.61 10.42
C CYS A 230 9.11 -9.91 9.05
N SER A 231 9.10 -8.57 9.04
CA SER A 231 9.19 -7.80 7.79
C SER A 231 10.42 -8.14 6.95
N VAL A 232 11.52 -8.55 7.59
CA VAL A 232 12.72 -9.03 6.88
C VAL A 232 12.52 -10.39 6.16
N THR A 233 11.49 -11.14 6.55
CA THR A 233 11.18 -12.44 5.92
C THR A 233 10.19 -12.36 4.75
N LYS A 234 9.73 -11.16 4.40
CA LYS A 234 8.75 -10.96 3.32
C LYS A 234 9.47 -10.85 1.97
N LEU A 235 8.72 -10.64 0.90
CA LEU A 235 9.29 -10.44 -0.44
C LEU A 235 10.11 -9.14 -0.50
N TRP A 236 11.01 -9.07 -1.48
CA TRP A 236 12.02 -8.00 -1.54
C TRP A 236 11.46 -6.56 -1.60
N PRO A 237 10.49 -6.29 -2.49
CA PRO A 237 9.95 -4.93 -2.57
C PRO A 237 9.06 -4.54 -1.36
N VAL A 238 8.41 -5.54 -0.76
CA VAL A 238 7.66 -5.35 0.49
C VAL A 238 8.62 -4.96 1.63
N THR A 239 9.75 -5.65 1.70
CA THR A 239 10.76 -5.41 2.75
C THR A 239 11.40 -4.03 2.62
N LYS A 240 11.72 -3.65 1.39
CA LYS A 240 12.28 -2.32 1.09
C LYS A 240 11.32 -1.20 1.50
N LEU A 241 10.02 -1.39 1.24
CA LEU A 241 8.99 -0.43 1.64
C LEU A 241 8.77 -0.35 3.15
N THR A 242 8.91 -1.48 3.84
CA THR A 242 8.73 -1.54 5.30
C THR A 242 9.89 -0.87 6.05
N ALA A 243 11.12 -1.15 5.62
CA ALA A 243 12.31 -0.49 6.20
C ALA A 243 12.26 1.04 6.07
N ASN A 244 11.66 1.53 4.99
CA ASN A 244 11.41 2.97 4.80
C ASN A 244 10.43 3.53 5.85
N ASP A 245 9.47 2.72 6.27
CA ASP A 245 8.59 3.07 7.40
C ASP A 245 9.37 3.09 8.73
N ILE A 246 10.22 2.08 8.93
CA ILE A 246 11.04 1.95 10.14
C ILE A 246 12.00 3.14 10.31
N TYR A 247 12.70 3.50 9.24
CA TYR A 247 13.63 4.65 9.27
C TYR A 247 12.92 5.99 9.43
N ALA A 248 11.72 6.13 8.86
CA ALA A 248 10.92 7.34 9.03
C ALA A 248 10.56 7.61 10.50
N GLU A 249 10.37 6.55 11.28
CA GLU A 249 10.15 6.68 12.73
C GLU A 249 11.47 6.95 13.46
N PHE A 250 12.55 6.31 13.02
CA PHE A 250 13.88 6.58 13.57
C PHE A 250 14.32 8.03 13.34
N TRP A 251 14.18 8.52 12.11
CA TRP A 251 14.65 9.86 11.75
C TRP A 251 13.88 11.00 12.41
N ALA A 252 12.59 10.79 12.67
CA ALA A 252 11.79 11.74 13.44
C ALA A 252 12.28 11.83 14.90
N GLU A 253 12.61 10.67 15.47
CA GLU A 253 13.21 10.58 16.81
C GLU A 253 14.60 11.24 16.86
N GLY A 254 15.36 11.12 15.76
CA GLY A 254 16.62 11.84 15.58
C GLY A 254 16.50 13.33 15.35
N ASP A 255 15.40 13.78 14.72
CA ASP A 255 15.09 15.21 14.59
C ASP A 255 14.91 15.88 15.96
N GLU A 256 14.23 15.18 16.87
CA GLU A 256 13.99 15.68 18.23
C GLU A 256 15.28 15.82 19.05
N MET A 257 16.30 15.01 18.73
CA MET A 257 17.59 15.08 19.40
C MET A 257 18.43 16.28 18.95
N LYS A 258 18.41 16.56 17.65
CA LYS A 258 19.16 17.68 17.07
C LYS A 258 18.66 19.07 17.54
N LYS A 259 17.37 19.16 17.88
CA LYS A 259 16.80 20.38 18.47
C LYS A 259 17.34 20.66 19.87
N LEU A 260 17.41 19.62 20.71
CA LEU A 260 17.94 19.73 22.08
C LEU A 260 19.47 19.96 22.11
N GLY A 261 20.15 19.66 21.02
CA GLY A 261 21.58 19.99 20.85
C GLY A 261 22.49 18.80 20.64
N ILE A 262 22.03 17.60 20.99
CA ILE A 262 22.85 16.38 20.96
C ILE A 262 22.54 15.62 19.68
N GLN A 263 23.58 15.26 18.93
CA GLN A 263 23.41 14.65 17.60
C GLN A 263 23.16 13.16 17.79
N PRO A 264 22.16 12.59 17.07
CA PRO A 264 21.71 11.23 17.36
C PRO A 264 22.64 10.15 16.79
N ILE A 265 22.31 8.89 17.08
CA ILE A 265 23.01 7.75 16.47
C ILE A 265 22.72 7.74 14.96
N PRO A 266 23.68 7.26 14.13
CA PRO A 266 23.55 7.36 12.66
C PRO A 266 22.27 6.72 12.09
N MET A 267 21.80 5.65 12.73
CA MET A 267 20.54 4.99 12.38
C MET A 267 19.32 5.92 12.45
N MET A 268 19.33 6.85 13.41
CA MET A 268 18.28 7.86 13.58
C MET A 268 18.65 9.23 13.00
N ASP A 269 19.83 9.32 12.37
CA ASP A 269 20.25 10.53 11.64
C ASP A 269 19.72 10.40 10.22
N ARG A 270 19.01 11.41 9.74
CA ARG A 270 18.48 11.41 8.37
C ARG A 270 19.48 11.93 7.33
N ASP A 271 20.57 12.53 7.80
CA ASP A 271 21.68 12.90 6.93
C ASP A 271 22.46 11.64 6.48
N LYS A 272 22.53 10.63 7.37
CA LYS A 272 23.17 9.35 7.07
C LYS A 272 22.26 8.37 6.29
N LYS A 273 21.69 8.82 5.16
CA LYS A 273 20.97 7.91 4.25
C LYS A 273 21.92 6.96 3.52
N ASP A 274 23.16 7.41 3.29
CA ASP A 274 24.18 6.62 2.61
C ASP A 274 24.55 5.34 3.36
N GLU A 275 24.52 5.39 4.69
CA GLU A 275 24.90 4.26 5.52
C GLU A 275 23.84 3.16 5.62
N VAL A 276 22.61 3.45 5.21
CA VAL A 276 21.46 2.52 5.36
C VAL A 276 21.76 1.08 4.93
N PRO A 277 22.22 0.87 3.67
CA PRO A 277 22.49 -0.50 3.21
C PRO A 277 23.53 -1.25 4.06
N GLN A 278 24.58 -0.54 4.47
CA GLN A 278 25.61 -1.10 5.35
C GLN A 278 25.07 -1.32 6.77
N GLY A 279 24.18 -0.44 7.22
CA GLY A 279 23.48 -0.59 8.50
C GLY A 279 22.52 -1.76 8.54
N GLN A 280 21.83 -2.00 7.42
CA GLN A 280 20.98 -3.19 7.26
C GLN A 280 21.82 -4.45 7.26
N LEU A 281 22.84 -4.48 6.38
CA LEU A 281 23.79 -5.60 6.30
C LEU A 281 24.27 -6.05 7.68
N GLY A 282 24.60 -5.09 8.53
CA GLY A 282 24.96 -5.35 9.93
C GLY A 282 23.82 -5.96 10.72
N PHE A 283 22.64 -5.33 10.63
CA PHE A 283 21.42 -5.81 11.31
C PHE A 283 21.06 -7.25 10.93
N TYR A 284 21.16 -7.58 9.65
CA TYR A 284 20.85 -8.96 9.20
C TYR A 284 21.86 -9.99 9.73
N ASN A 285 23.14 -9.58 9.86
CA ASN A 285 24.20 -10.49 10.29
C ASN A 285 24.27 -10.69 11.80
N ALA A 286 24.11 -9.60 12.56
CA ALA A 286 24.20 -9.64 14.02
C ALA A 286 22.87 -9.88 14.75
N VAL A 287 21.75 -9.88 14.02
CA VAL A 287 20.40 -9.98 14.62
C VAL A 287 19.48 -10.92 13.85
N ALA A 288 19.18 -10.59 12.58
CA ALA A 288 18.13 -11.26 11.82
C ALA A 288 18.46 -12.72 11.49
N ILE A 289 19.54 -12.95 10.74
CA ILE A 289 19.95 -14.33 10.40
C ILE A 289 20.10 -15.18 11.68
N PRO A 290 20.89 -14.71 12.67
CA PRO A 290 20.93 -15.33 14.00
C PRO A 290 19.59 -15.67 14.64
N CYS A 291 18.62 -14.75 14.56
CA CYS A 291 17.26 -14.99 15.09
C CYS A 291 16.61 -16.19 14.41
N TYR A 292 16.55 -16.16 13.08
CA TYR A 292 15.87 -17.20 12.32
C TYR A 292 16.69 -18.48 12.14
N THR A 293 17.99 -18.43 12.45
CA THR A 293 18.84 -19.63 12.43
C THR A 293 18.52 -20.52 13.64
N THR A 294 18.54 -19.94 14.83
CA THR A 294 18.20 -20.65 16.06
C THR A 294 16.71 -20.97 16.18
N LEU A 295 15.87 -20.21 15.46
CA LEU A 295 14.44 -20.55 15.33
C LEU A 295 14.24 -21.84 14.52
N THR A 296 14.90 -21.91 13.36
CA THR A 296 14.81 -23.09 12.49
C THR A 296 15.39 -24.36 13.13
N GLN A 297 16.40 -24.18 13.98
CA GLN A 297 17.00 -25.30 14.72
C GLN A 297 16.05 -25.87 15.78
N ILE A 298 15.34 -25.01 16.50
CA ILE A 298 14.34 -25.43 17.49
C ILE A 298 13.10 -25.99 16.77
N LEU A 299 12.60 -25.22 15.80
CA LEU A 299 11.39 -25.56 15.05
C LEU A 299 11.71 -25.61 13.54
N PRO A 300 12.08 -26.80 13.01
CA PRO A 300 12.40 -27.00 11.59
C PRO A 300 11.42 -26.47 10.54
N PRO A 301 10.09 -26.51 10.79
CA PRO A 301 9.16 -25.95 9.80
C PRO A 301 8.91 -24.42 9.92
N THR A 302 9.82 -23.68 10.55
CA THR A 302 9.91 -22.22 10.43
C THR A 302 11.11 -21.80 9.57
N GLU A 303 11.57 -22.70 8.70
CA GLU A 303 12.72 -22.44 7.82
C GLU A 303 12.48 -21.37 6.74
N PRO A 304 11.25 -21.27 6.18
CA PRO A 304 10.98 -20.22 5.17
C PRO A 304 11.30 -18.78 5.64
N LEU A 305 11.12 -18.53 6.94
CA LEU A 305 11.53 -17.26 7.54
C LEU A 305 13.04 -17.05 7.40
N LEU A 306 13.83 -18.08 7.68
CA LEU A 306 15.28 -18.05 7.46
C LEU A 306 15.65 -18.01 5.96
N LYS A 307 14.89 -18.74 5.14
CA LYS A 307 15.15 -18.79 3.69
C LYS A 307 14.96 -17.42 3.04
N ALA A 308 13.82 -16.78 3.31
CA ALA A 308 13.52 -15.45 2.77
C ALA A 308 14.39 -14.33 3.35
N CYS A 309 14.96 -14.56 4.55
CA CYS A 309 15.94 -13.64 5.12
C CYS A 309 17.29 -13.72 4.41
N ARG A 310 17.72 -14.93 4.02
CA ARG A 310 18.91 -15.10 3.18
C ARG A 310 18.74 -14.36 1.85
N ASP A 311 17.54 -14.52 1.26
CA ASP A 311 17.18 -13.86 -0.01
C ASP A 311 17.25 -12.34 0.07
N ASN A 312 16.77 -11.76 1.18
CA ASN A 312 16.77 -10.30 1.36
C ASN A 312 18.15 -9.75 1.78
N LEU A 313 18.97 -10.59 2.42
CA LEU A 313 20.38 -10.25 2.68
C LEU A 313 21.17 -10.09 1.38
N SER A 314 20.93 -10.98 0.42
CA SER A 314 21.52 -10.90 -0.93
C SER A 314 21.18 -9.59 -1.64
N GLN A 315 19.92 -9.17 -1.51
CA GLN A 315 19.44 -7.93 -2.12
C GLN A 315 20.07 -6.70 -1.46
N TRP A 316 20.16 -6.70 -0.13
CA TRP A 316 20.87 -5.64 0.61
C TRP A 316 22.38 -5.61 0.32
N GLU A 317 22.97 -6.78 0.11
CA GLU A 317 24.37 -6.88 -0.34
C GLU A 317 24.56 -6.28 -1.74
N LYS A 318 23.61 -6.55 -2.64
CA LYS A 318 23.65 -6.00 -4.01
C LYS A 318 23.46 -4.48 -4.08
N VAL A 319 22.80 -3.89 -3.09
CA VAL A 319 22.61 -2.43 -3.02
C VAL A 319 23.92 -1.70 -2.70
N ILE A 320 24.79 -2.31 -1.89
CA ILE A 320 26.14 -1.79 -1.64
C ILE A 320 27.03 -1.95 -2.89
N ARG A 321 26.83 -3.03 -3.65
CA ARG A 321 27.52 -3.22 -4.93
C ARG A 321 27.11 -2.23 -6.04
N GLY A 322 25.96 -1.57 -5.87
CA GLY A 322 25.50 -0.52 -6.80
C GLY A 322 24.66 -1.08 -7.94
N GLU A 323 23.75 -2.00 -7.60
CA GLU A 323 22.88 -2.66 -8.59
C GLU A 323 21.40 -2.38 -8.29
N GLU A 324 20.97 -2.73 -7.08
CA GLU A 324 19.61 -2.45 -6.57
C GLU A 324 18.53 -3.23 -7.31
N GLY B 12 -18.09 10.15 -41.56
CA GLY B 12 -17.64 8.74 -41.31
C GLY B 12 -17.88 8.28 -39.89
N LEU B 13 -17.40 9.07 -38.93
CA LEU B 13 -17.55 8.78 -37.50
C LEU B 13 -18.98 9.05 -36.99
N MET B 14 -19.69 9.96 -37.64
CA MET B 14 -21.08 10.27 -37.30
C MET B 14 -22.03 9.07 -37.54
N GLN B 15 -21.75 8.32 -38.59
CA GLN B 15 -22.56 7.15 -38.97
C GLN B 15 -22.25 5.86 -38.20
N PHE B 16 -21.17 5.84 -37.40
CA PHE B 16 -20.77 4.65 -36.67
C PHE B 16 -21.72 4.34 -35.51
N THR B 17 -22.02 3.05 -35.33
CA THR B 17 -22.83 2.55 -34.22
C THR B 17 -22.07 1.41 -33.53
N LEU B 18 -22.08 1.42 -32.20
CA LEU B 18 -21.38 0.41 -31.40
C LEU B 18 -22.18 -0.91 -31.44
N PRO B 19 -21.49 -2.07 -31.46
CA PRO B 19 -22.19 -3.37 -31.34
C PRO B 19 -22.98 -3.53 -30.04
N VAL B 20 -24.04 -4.33 -30.10
CA VAL B 20 -24.98 -4.50 -28.99
C VAL B 20 -24.38 -5.44 -27.91
N ARG B 21 -23.54 -6.38 -28.32
CA ARG B 21 -22.89 -7.32 -27.41
C ARG B 21 -21.80 -6.69 -26.51
N LEU B 22 -21.40 -5.44 -26.79
CA LEU B 22 -20.48 -4.67 -25.94
C LEU B 22 -21.16 -3.65 -25.02
N CYS B 23 -22.48 -3.48 -25.13
CA CYS B 23 -23.23 -2.56 -24.26
C CYS B 23 -23.26 -2.98 -22.79
N LYS B 24 -23.15 -4.29 -22.54
CA LYS B 24 -23.03 -4.82 -21.19
C LYS B 24 -21.58 -4.77 -20.71
N GLU B 25 -20.65 -5.23 -21.54
CA GLU B 25 -19.23 -5.28 -21.18
C GLU B 25 -18.56 -3.91 -20.98
N ILE B 26 -19.01 -2.91 -21.75
CA ILE B 26 -18.46 -1.54 -21.66
C ILE B 26 -18.61 -0.91 -20.28
N GLU B 27 -19.74 -1.14 -19.63
CA GLU B 27 -20.08 -0.51 -18.35
C GLU B 27 -19.27 -1.01 -17.14
N LEU B 28 -18.59 -2.15 -17.30
CA LEU B 28 -17.73 -2.70 -16.24
C LEU B 28 -16.39 -1.95 -16.16
N PHE B 29 -15.85 -1.86 -14.96
CA PHE B 29 -14.55 -1.19 -14.72
C PHE B 29 -13.36 -1.81 -15.46
N HIS B 30 -13.39 -3.14 -15.62
CA HIS B 30 -12.23 -3.91 -16.14
C HIS B 30 -12.32 -4.23 -17.64
N PHE B 31 -13.07 -3.42 -18.40
CA PHE B 31 -13.21 -3.61 -19.83
C PHE B 31 -11.88 -3.34 -20.54
N ASP B 32 -11.51 -4.23 -21.46
CA ASP B 32 -10.32 -4.07 -22.29
C ASP B 32 -10.79 -3.55 -23.65
N ILE B 33 -10.36 -2.35 -24.00
CA ILE B 33 -10.61 -1.79 -25.33
C ILE B 33 -9.72 -2.41 -26.43
N GLY B 34 -8.65 -3.12 -26.02
CA GLY B 34 -7.72 -3.82 -26.92
C GLY B 34 -8.19 -4.28 -28.29
N PRO B 35 -9.12 -5.26 -28.34
CA PRO B 35 -9.53 -5.86 -29.61
C PRO B 35 -10.60 -5.06 -30.40
N PHE B 36 -10.74 -3.77 -30.13
CA PHE B 36 -11.70 -2.90 -30.80
C PHE B 36 -10.95 -1.69 -31.36
N GLU B 37 -9.86 -1.98 -32.05
CA GLU B 37 -8.87 -0.98 -32.50
C GLU B 37 -9.43 0.05 -33.51
N ASN B 38 -10.32 -0.41 -34.38
CA ASN B 38 -10.93 0.45 -35.41
C ASN B 38 -12.15 1.25 -34.93
N MET B 39 -12.48 1.19 -33.63
CA MET B 39 -13.68 1.85 -33.09
C MET B 39 -13.48 2.49 -31.69
N TRP B 40 -12.24 2.89 -31.37
CA TRP B 40 -11.97 3.65 -30.15
C TRP B 40 -12.50 5.09 -30.20
N PRO B 41 -12.55 5.72 -31.41
CA PRO B 41 -13.29 6.97 -31.53
C PRO B 41 -14.78 6.82 -31.23
N GLY B 42 -15.38 5.74 -31.73
CA GLY B 42 -16.80 5.45 -31.52
C GLY B 42 -17.15 5.23 -30.06
N ILE B 43 -16.35 4.43 -29.36
CA ILE B 43 -16.58 4.16 -27.93
C ILE B 43 -16.54 5.46 -27.10
N PHE B 44 -15.73 6.43 -27.49
CA PHE B 44 -15.71 7.73 -26.82
C PHE B 44 -17.00 8.54 -27.03
N VAL B 45 -17.55 8.46 -28.24
CA VAL B 45 -18.84 9.12 -28.55
C VAL B 45 -19.98 8.48 -27.76
N TYR B 46 -20.01 7.14 -27.77
CA TYR B 46 -20.97 6.35 -26.99
C TYR B 46 -20.98 6.73 -25.51
N MET B 47 -19.79 6.93 -24.94
CA MET B 47 -19.65 7.28 -23.52
C MET B 47 -20.13 8.69 -23.18
N VAL B 48 -19.91 9.64 -24.09
CA VAL B 48 -20.39 11.01 -23.90
C VAL B 48 -21.91 11.06 -24.09
N HIS B 49 -22.43 10.28 -25.03
CA HIS B 49 -23.88 10.18 -25.25
C HIS B 49 -24.62 9.47 -24.12
N ARG B 50 -23.99 8.43 -23.56
CA ARG B 50 -24.55 7.72 -22.41
C ARG B 50 -24.47 8.53 -21.13
N SER B 51 -23.29 9.10 -20.85
CA SER B 51 -23.09 9.90 -19.66
C SER B 51 -23.92 11.17 -19.71
N CYS B 52 -23.61 12.04 -20.68
CA CYS B 52 -24.11 13.41 -20.70
C CYS B 52 -25.11 13.70 -21.83
N GLY B 53 -25.74 12.67 -22.39
CA GLY B 53 -26.78 12.86 -23.40
C GLY B 53 -26.30 13.29 -24.77
N THR B 54 -27.19 13.16 -25.76
CA THR B 54 -26.92 13.54 -27.15
C THR B 54 -26.77 15.04 -27.37
N SER B 55 -27.44 15.85 -26.55
CA SER B 55 -27.45 17.32 -26.69
C SER B 55 -26.59 18.03 -25.64
N CYS B 56 -25.40 17.49 -25.35
CA CYS B 56 -24.38 18.21 -24.59
C CYS B 56 -23.34 18.83 -25.52
N PHE B 57 -22.97 18.09 -26.57
CA PHE B 57 -22.17 18.62 -27.68
C PHE B 57 -22.89 18.37 -29.00
N GLU B 58 -22.57 19.20 -30.00
CA GLU B 58 -23.06 19.02 -31.36
C GLU B 58 -22.23 17.92 -32.03
N LEU B 59 -22.90 17.05 -32.76
CA LEU B 59 -22.29 15.83 -33.29
C LEU B 59 -21.16 16.11 -34.31
N GLU B 60 -21.31 17.16 -35.10
CA GLU B 60 -20.27 17.59 -36.06
C GLU B 60 -18.99 18.07 -35.34
N LYS B 61 -19.16 19.03 -34.43
CA LYS B 61 -18.04 19.58 -33.65
C LYS B 61 -17.34 18.53 -32.77
N LEU B 62 -18.10 17.56 -32.28
CA LEU B 62 -17.56 16.52 -31.40
C LEU B 62 -16.63 15.56 -32.14
N CYS B 63 -17.05 15.10 -33.31
CA CYS B 63 -16.25 14.15 -34.11
C CYS B 63 -14.94 14.74 -34.63
N ARG B 64 -14.99 15.99 -35.09
CA ARG B 64 -13.77 16.71 -35.49
C ARG B 64 -12.78 16.80 -34.34
N PHE B 65 -13.28 17.14 -33.14
CA PHE B 65 -12.46 17.24 -31.94
C PHE B 65 -11.82 15.90 -31.54
N ILE B 66 -12.61 14.83 -31.58
CA ILE B 66 -12.12 13.48 -31.26
C ILE B 66 -10.98 13.08 -32.23
N MET B 67 -11.24 13.23 -33.54
CA MET B 67 -10.28 12.81 -34.56
C MET B 67 -9.09 13.78 -34.71
N SER B 68 -9.24 15.02 -34.24
CA SER B 68 -8.10 15.98 -34.18
C SER B 68 -7.21 15.72 -32.97
N VAL B 69 -7.82 15.32 -31.85
CA VAL B 69 -7.08 14.85 -30.67
C VAL B 69 -6.34 13.55 -31.02
N LYS B 70 -7.03 12.61 -31.66
CA LYS B 70 -6.45 11.34 -32.14
C LYS B 70 -5.21 11.54 -33.02
N LYS B 71 -5.27 12.56 -33.87
CA LYS B 71 -4.19 12.88 -34.80
C LYS B 71 -2.87 13.20 -34.10
N ASN B 72 -2.95 13.94 -33.00
CA ASN B 72 -1.77 14.40 -32.28
C ASN B 72 -1.39 13.51 -31.07
N TYR B 73 -1.71 12.22 -31.15
CA TYR B 73 -1.13 11.19 -30.27
C TYR B 73 -0.07 10.45 -31.09
N ARG B 74 1.14 10.39 -30.56
CA ARG B 74 2.28 9.88 -31.32
C ARG B 74 2.33 8.36 -31.37
N ARG B 75 3.07 7.85 -32.35
CA ARG B 75 3.24 6.42 -32.57
C ARG B 75 4.39 5.92 -31.67
N VAL B 76 4.05 5.73 -30.39
CA VAL B 76 5.00 5.26 -29.36
C VAL B 76 4.38 4.09 -28.61
N PRO B 77 5.20 3.33 -27.83
CA PRO B 77 4.72 2.08 -27.20
C PRO B 77 3.49 2.18 -26.26
N TYR B 78 3.48 3.13 -25.33
CA TYR B 78 2.47 3.19 -24.25
C TYR B 78 1.63 4.46 -24.27
N HIS B 79 2.26 5.62 -24.14
CA HIS B 79 1.53 6.90 -24.15
C HIS B 79 1.10 7.27 -25.57
N ASN B 80 -0.01 6.67 -25.99
CA ASN B 80 -0.54 6.79 -27.35
C ASN B 80 -2.08 6.84 -27.33
N TRP B 81 -2.72 6.86 -28.50
CA TRP B 81 -4.18 6.93 -28.64
C TRP B 81 -4.96 5.84 -27.86
N LYS B 82 -4.39 4.63 -27.79
CA LYS B 82 -4.96 3.56 -26.97
C LYS B 82 -5.06 3.99 -25.50
N HIS B 83 -3.96 4.48 -24.94
CA HIS B 83 -3.92 4.96 -23.55
C HIS B 83 -4.87 6.14 -23.30
N ALA B 84 -5.07 6.99 -24.30
CA ALA B 84 -6.02 8.09 -24.24
C ALA B 84 -7.45 7.64 -23.91
N VAL B 85 -7.93 6.64 -24.64
CA VAL B 85 -9.32 6.17 -24.52
C VAL B 85 -9.54 5.25 -23.31
N THR B 86 -8.52 4.48 -22.93
CA THR B 86 -8.58 3.61 -21.74
C THR B 86 -8.80 4.44 -20.46
N VAL B 87 -8.07 5.54 -20.35
CA VAL B 87 -8.21 6.47 -19.22
C VAL B 87 -9.60 7.12 -19.23
N ALA B 88 -10.10 7.45 -20.42
CA ALA B 88 -11.47 7.99 -20.58
C ALA B 88 -12.55 7.01 -20.11
N HIS B 89 -12.37 5.72 -20.40
CA HIS B 89 -13.33 4.67 -20.01
C HIS B 89 -13.44 4.51 -18.49
N CYS B 90 -12.29 4.46 -17.81
CA CYS B 90 -12.27 4.33 -16.35
C CYS B 90 -13.00 5.52 -15.70
N MET B 91 -12.75 6.72 -16.20
CA MET B 91 -13.49 7.92 -15.78
C MET B 91 -14.98 7.79 -16.11
N TYR B 92 -15.28 7.31 -17.31
CA TYR B 92 -16.67 7.00 -17.69
C TYR B 92 -17.31 6.03 -16.70
N ALA B 93 -16.59 4.98 -16.37
CA ALA B 93 -17.05 3.98 -15.39
C ALA B 93 -17.21 4.55 -13.97
N ILE B 94 -16.28 5.42 -13.54
CA ILE B 94 -16.36 6.05 -12.20
C ILE B 94 -17.57 6.98 -12.12
N LEU B 95 -17.75 7.84 -13.13
CA LEU B 95 -18.88 8.78 -13.17
C LEU B 95 -20.23 8.08 -13.33
N GLN B 96 -20.27 6.98 -14.10
CA GLN B 96 -21.47 6.17 -14.21
C GLN B 96 -21.86 5.49 -12.89
N ASN B 97 -20.86 5.00 -12.15
CA ASN B 97 -21.09 4.36 -10.83
C ASN B 97 -21.15 5.36 -9.65
N ASN B 98 -20.91 6.64 -9.90
CA ASN B 98 -21.14 7.72 -8.93
C ASN B 98 -21.98 8.79 -9.61
N HIS B 99 -23.23 8.42 -9.92
CA HIS B 99 -24.07 9.18 -10.85
C HIS B 99 -24.50 10.57 -10.37
N THR B 100 -24.94 10.67 -9.11
CA THR B 100 -25.45 11.93 -8.55
C THR B 100 -24.40 12.66 -7.70
N LEU B 101 -23.14 12.55 -8.07
CA LEU B 101 -22.03 13.11 -7.30
C LEU B 101 -21.51 14.41 -7.90
N PHE B 102 -21.30 14.41 -9.22
CA PHE B 102 -20.68 15.53 -9.93
C PHE B 102 -21.69 16.31 -10.77
N THR B 103 -21.38 17.57 -11.03
CA THR B 103 -22.29 18.49 -11.72
C THR B 103 -22.29 18.27 -13.23
N ASP B 104 -23.12 19.03 -13.95
CA ASP B 104 -23.09 19.06 -15.42
C ASP B 104 -21.66 19.20 -15.94
N LEU B 105 -21.00 20.26 -15.48
CA LEU B 105 -19.74 20.73 -16.07
C LEU B 105 -18.56 19.79 -15.81
N GLU B 106 -18.53 19.19 -14.63
CA GLU B 106 -17.46 18.27 -14.26
C GLU B 106 -17.45 17.00 -15.13
N ARG B 107 -18.63 16.40 -15.34
CA ARG B 107 -18.74 15.16 -16.12
C ARG B 107 -18.33 15.32 -17.59
N LYS B 108 -18.69 16.46 -18.19
CA LYS B 108 -18.31 16.76 -19.58
C LYS B 108 -16.81 16.96 -19.70
N GLY B 109 -16.26 17.83 -18.85
CA GLY B 109 -14.84 18.18 -18.87
C GLY B 109 -13.89 17.06 -18.51
N LEU B 110 -14.25 16.27 -17.49
CA LEU B 110 -13.39 15.17 -17.02
C LEU B 110 -13.18 14.10 -18.09
N LEU B 111 -14.21 13.80 -18.89
CA LEU B 111 -14.05 12.84 -20.01
C LEU B 111 -13.21 13.43 -21.15
N ILE B 112 -13.29 14.75 -21.36
CA ILE B 112 -12.44 15.45 -22.33
C ILE B 112 -10.99 15.44 -21.86
N ALA B 113 -10.77 15.87 -20.62
CA ALA B 113 -9.43 15.91 -20.02
C ALA B 113 -8.72 14.55 -20.11
N CYS B 114 -9.45 13.48 -19.80
CA CYS B 114 -8.93 12.11 -19.88
C CYS B 114 -8.50 11.67 -21.29
N LEU B 115 -9.22 12.11 -22.31
CA LEU B 115 -8.87 11.79 -23.70
C LEU B 115 -7.68 12.62 -24.18
N CYS B 116 -7.53 13.83 -23.65
CA CYS B 116 -6.46 14.76 -24.06
C CYS B 116 -5.25 14.83 -23.11
N HIS B 117 -5.30 14.10 -22.01
CA HIS B 117 -4.27 14.15 -20.98
C HIS B 117 -2.84 13.72 -21.31
N ASP B 118 -2.61 13.07 -22.42
CA ASP B 118 -1.28 12.69 -22.81
C ASP B 118 -1.10 13.14 -24.32
N LEU B 119 -1.62 14.32 -24.71
CA LEU B 119 -1.58 14.83 -26.09
C LEU B 119 -0.16 15.23 -26.50
N ASP B 120 0.35 14.57 -27.55
CA ASP B 120 1.69 14.82 -28.09
C ASP B 120 2.77 14.36 -27.10
N HIS B 121 2.57 13.19 -26.51
CA HIS B 121 3.56 12.57 -25.63
C HIS B 121 4.61 11.90 -26.53
N ARG B 122 5.87 12.30 -26.38
CA ARG B 122 6.96 11.83 -27.25
C ARG B 122 7.64 10.56 -26.72
N GLY B 123 7.19 10.09 -25.54
CA GLY B 123 7.72 8.88 -24.92
C GLY B 123 8.77 9.14 -23.86
N PHE B 124 8.86 10.38 -23.39
CA PHE B 124 9.90 10.79 -22.44
C PHE B 124 9.29 11.31 -21.15
N SER B 125 10.04 11.14 -20.06
CA SER B 125 9.60 11.53 -18.72
C SER B 125 9.93 13.00 -18.45
N ASN B 126 9.38 13.53 -17.35
CA ASN B 126 9.69 14.90 -16.91
C ASN B 126 11.18 15.06 -16.58
N SER B 127 11.72 14.09 -15.86
CA SER B 127 13.13 14.05 -15.48
C SER B 127 14.06 14.14 -16.69
N TYR B 128 13.77 13.34 -17.72
CA TYR B 128 14.56 13.29 -18.96
C TYR B 128 14.64 14.64 -19.66
N LEU B 129 13.50 15.27 -19.85
CA LEU B 129 13.41 16.55 -20.57
C LEU B 129 14.00 17.71 -19.74
N GLN B 130 13.95 17.58 -18.42
CA GLN B 130 14.63 18.50 -17.51
C GLN B 130 16.16 18.27 -17.46
N LYS B 131 16.58 17.00 -17.40
CA LYS B 131 17.99 16.64 -17.34
C LYS B 131 18.77 17.04 -18.60
N PHE B 132 18.18 16.78 -19.77
CA PHE B 132 18.79 17.12 -21.07
C PHE B 132 18.22 18.42 -21.63
N ASP B 133 18.22 19.46 -20.79
CA ASP B 133 17.71 20.82 -21.10
C ASP B 133 16.88 20.92 -22.39
N HIS B 134 15.73 20.25 -22.39
CA HIS B 134 14.85 20.19 -23.57
C HIS B 134 14.08 21.51 -23.71
N PRO B 135 13.64 21.87 -24.93
CA PRO B 135 12.79 23.07 -25.09
C PRO B 135 11.43 23.09 -24.34
N LEU B 136 10.94 21.93 -23.89
CA LEU B 136 9.70 21.84 -23.12
C LEU B 136 9.93 22.05 -21.62
N ALA B 137 11.09 21.60 -21.11
CA ALA B 137 11.52 21.95 -19.75
C ALA B 137 11.94 23.43 -19.67
N ALA B 138 12.40 23.99 -20.79
CA ALA B 138 12.63 25.43 -20.93
C ALA B 138 11.33 26.24 -20.90
N LEU B 139 10.28 25.69 -21.50
CA LEU B 139 8.95 26.32 -21.51
C LEU B 139 8.26 26.14 -20.15
N TYR B 140 7.98 24.87 -19.79
CA TYR B 140 7.26 24.53 -18.56
C TYR B 140 8.25 23.90 -17.56
N SER B 141 8.62 24.66 -16.53
CA SER B 141 9.65 24.24 -15.56
C SER B 141 9.22 23.13 -14.61
N THR B 142 7.92 23.08 -14.27
CA THR B 142 7.32 21.95 -13.55
C THR B 142 6.07 21.46 -14.30
N SER B 143 5.74 20.18 -14.09
CA SER B 143 4.68 19.50 -14.84
C SER B 143 4.93 19.64 -16.36
N THR B 144 6.16 19.28 -16.75
CA THR B 144 6.72 19.57 -18.07
C THR B 144 5.83 19.12 -19.24
N MET B 145 5.46 17.85 -19.25
CA MET B 145 4.58 17.32 -20.30
C MET B 145 3.10 17.61 -20.02
N GLU B 146 2.71 17.57 -18.75
CA GLU B 146 1.31 17.80 -18.36
C GLU B 146 0.82 19.19 -18.78
N GLN B 147 1.68 20.20 -18.65
CA GLN B 147 1.37 21.56 -19.12
C GLN B 147 1.25 21.62 -20.66
N HIS B 148 2.16 20.95 -21.35
CA HIS B 148 2.10 20.83 -22.82
C HIS B 148 0.81 20.13 -23.26
N HIS B 149 0.43 19.07 -22.55
CA HIS B 149 -0.82 18.35 -22.82
C HIS B 149 -2.05 19.24 -22.71
N PHE B 150 -2.04 20.18 -21.76
CA PHE B 150 -3.09 21.18 -21.63
C PHE B 150 -3.01 22.27 -22.71
N SER B 151 -1.78 22.71 -23.02
CA SER B 151 -1.56 23.70 -24.10
C SER B 151 -2.00 23.19 -25.47
N GLN B 152 -1.87 21.89 -25.71
CA GLN B 152 -2.42 21.25 -26.91
C GLN B 152 -3.95 21.22 -26.88
N THR B 153 -4.53 20.86 -25.74
CA THR B 153 -5.98 20.78 -25.56
C THR B 153 -6.66 22.14 -25.84
N VAL B 154 -6.15 23.19 -25.21
CA VAL B 154 -6.62 24.57 -25.43
C VAL B 154 -6.47 24.99 -26.89
N SER B 155 -5.32 24.68 -27.49
CA SER B 155 -5.05 25.04 -28.88
C SER B 155 -5.97 24.34 -29.87
N ILE B 156 -6.14 23.03 -29.71
CA ILE B 156 -6.97 22.21 -30.62
C ILE B 156 -8.46 22.56 -30.47
N LEU B 157 -8.89 22.84 -29.23
CA LEU B 157 -10.23 23.41 -28.97
C LEU B 157 -10.53 24.64 -29.82
N GLN B 158 -9.54 25.54 -29.89
CA GLN B 158 -9.69 26.84 -30.54
C GLN B 158 -9.17 26.86 -31.99
N LEU B 159 -9.28 25.73 -32.69
CA LEU B 159 -9.33 25.70 -34.15
C LEU B 159 -10.76 26.06 -34.57
N GLU B 160 -10.97 26.30 -35.87
CA GLU B 160 -12.32 26.53 -36.39
C GLU B 160 -13.05 25.19 -36.49
N GLY B 161 -14.32 25.19 -36.07
CA GLY B 161 -15.14 23.97 -36.07
C GLY B 161 -14.73 22.87 -35.10
N HIS B 162 -13.92 23.23 -34.09
CA HIS B 162 -13.50 22.31 -33.03
C HIS B 162 -13.90 22.77 -31.62
N ASN B 163 -14.46 23.98 -31.49
CA ASN B 163 -14.83 24.52 -30.18
C ASN B 163 -16.09 23.80 -29.70
N ILE B 164 -15.89 22.63 -29.11
CA ILE B 164 -17.00 21.79 -28.62
C ILE B 164 -17.78 22.42 -27.46
N PHE B 165 -17.13 23.30 -26.70
CA PHE B 165 -17.80 24.12 -25.69
C PHE B 165 -18.19 25.49 -26.26
N SER B 166 -18.85 25.48 -27.42
CA SER B 166 -19.28 26.71 -28.10
C SER B 166 -20.46 27.33 -27.38
N THR B 167 -21.50 26.54 -27.15
CA THR B 167 -22.77 27.00 -26.60
C THR B 167 -22.85 26.89 -25.06
N LEU B 168 -21.80 27.36 -24.39
CA LEU B 168 -21.83 27.68 -22.97
C LEU B 168 -21.61 29.18 -22.85
N SER B 169 -22.00 29.74 -21.71
CA SER B 169 -21.67 31.14 -21.41
C SER B 169 -20.16 31.24 -21.15
N SER B 170 -19.61 32.43 -21.36
CA SER B 170 -18.17 32.67 -21.15
C SER B 170 -17.71 32.41 -19.71
N SER B 171 -18.63 32.48 -18.74
CA SER B 171 -18.36 32.11 -17.35
C SER B 171 -18.28 30.60 -17.14
N GLU B 172 -19.19 29.85 -17.77
CA GLU B 172 -19.17 28.38 -17.73
C GLU B 172 -17.98 27.79 -18.50
N TYR B 173 -17.70 28.36 -19.67
CA TYR B 173 -16.50 28.03 -20.45
C TYR B 173 -15.21 28.27 -19.65
N GLU B 174 -15.23 29.31 -18.80
CA GLU B 174 -14.12 29.58 -17.87
C GLU B 174 -13.95 28.41 -16.89
N GLN B 175 -15.06 28.02 -16.27
CA GLN B 175 -15.07 26.98 -15.24
C GLN B 175 -14.62 25.60 -15.74
N VAL B 176 -15.04 25.23 -16.95
CA VAL B 176 -14.77 23.88 -17.47
C VAL B 176 -13.31 23.67 -17.88
N LEU B 177 -12.65 24.72 -18.37
CA LEU B 177 -11.21 24.67 -18.65
C LEU B 177 -10.38 24.47 -17.38
N GLU B 178 -10.79 25.10 -16.28
CA GLU B 178 -10.11 24.93 -14.97
C GLU B 178 -10.20 23.50 -14.47
N ILE B 179 -11.35 22.86 -14.70
CA ILE B 179 -11.54 21.44 -14.42
C ILE B 179 -10.60 20.62 -15.31
N ILE B 180 -10.59 20.92 -16.61
CA ILE B 180 -9.70 20.25 -17.58
C ILE B 180 -8.21 20.53 -17.29
N ARG B 181 -7.91 21.75 -16.83
CA ARG B 181 -6.54 22.17 -16.50
C ARG B 181 -6.02 21.37 -15.32
N LYS B 182 -6.73 21.45 -14.19
CA LYS B 182 -6.32 20.76 -12.97
C LYS B 182 -6.25 19.24 -13.14
N ALA B 183 -7.14 18.69 -13.97
CA ALA B 183 -7.22 17.24 -14.21
C ALA B 183 -6.01 16.69 -14.98
N ILE B 184 -5.58 17.41 -16.01
CA ILE B 184 -4.38 17.02 -16.77
C ILE B 184 -3.11 17.19 -15.91
N ILE B 185 -3.07 18.26 -15.11
CA ILE B 185 -1.94 18.51 -14.20
C ILE B 185 -1.88 17.43 -13.10
N ALA B 186 -3.04 16.97 -12.65
CA ALA B 186 -3.11 15.93 -11.61
C ALA B 186 -2.50 14.58 -12.01
N THR B 187 -2.49 14.28 -13.31
CA THR B 187 -1.91 13.04 -13.82
C THR B 187 -0.38 12.99 -13.70
N ASP B 188 0.24 14.14 -13.40
CA ASP B 188 1.62 14.18 -12.93
C ASP B 188 1.74 13.39 -11.63
N LEU B 189 2.34 12.20 -11.72
CA LEU B 189 2.37 11.23 -10.62
C LEU B 189 3.11 11.74 -9.37
N ALA B 190 4.05 12.66 -9.56
CA ALA B 190 4.78 13.30 -8.45
C ALA B 190 3.88 14.06 -7.47
N LEU B 191 2.82 14.70 -7.98
CA LEU B 191 1.85 15.42 -7.14
C LEU B 191 0.87 14.49 -6.44
N TYR B 192 0.56 13.35 -7.06
CA TYR B 192 -0.35 12.34 -6.49
C TYR B 192 0.01 11.93 -5.06
N PHE B 193 1.29 11.65 -4.82
CA PHE B 193 1.76 11.14 -3.52
C PHE B 193 1.32 12.07 -2.38
N GLY B 194 1.65 13.34 -2.51
CA GLY B 194 1.28 14.37 -1.54
C GLY B 194 -0.21 14.65 -1.53
N ASN B 195 -0.83 14.65 -2.71
CA ASN B 195 -2.28 14.81 -2.85
C ASN B 195 -3.05 13.70 -2.11
N ARG B 196 -2.59 12.46 -2.30
CA ARG B 196 -3.15 11.29 -1.62
C ARG B 196 -2.83 11.29 -0.12
N LYS B 197 -1.65 11.81 0.24
CA LYS B 197 -1.27 11.98 1.65
C LYS B 197 -2.22 12.93 2.40
N GLN B 198 -2.69 13.95 1.71
CA GLN B 198 -3.64 14.92 2.27
C GLN B 198 -5.04 14.33 2.46
N LEU B 199 -5.55 13.68 1.41
CA LEU B 199 -6.89 13.06 1.45
C LEU B 199 -7.05 12.02 2.56
N GLU B 200 -5.99 11.25 2.81
CA GLU B 200 -5.97 10.26 3.89
C GLU B 200 -6.09 10.89 5.29
N GLU B 201 -5.51 12.09 5.45
CA GLU B 201 -5.64 12.87 6.68
C GLU B 201 -7.07 13.42 6.82
N MET B 202 -7.59 13.98 5.74
CA MET B 202 -8.93 14.62 5.74
C MET B 202 -10.07 13.63 6.00
N TYR B 203 -9.98 12.45 5.39
CA TYR B 203 -10.96 11.38 5.62
C TYR B 203 -10.89 10.86 7.07
N GLN B 204 -9.67 10.63 7.56
CA GLN B 204 -9.44 10.05 8.88
C GLN B 204 -9.61 11.06 10.03
N THR B 205 -9.66 12.36 9.71
CA THR B 205 -10.04 13.40 10.68
C THR B 205 -11.53 13.76 10.61
N GLY B 206 -12.16 13.49 9.47
CA GLY B 206 -13.60 13.72 9.29
C GLY B 206 -13.97 15.00 8.56
N SER B 207 -13.00 15.88 8.33
CA SER B 207 -13.24 17.19 7.68
C SER B 207 -13.30 17.14 6.15
N LEU B 208 -13.29 15.95 5.55
CA LEU B 208 -13.51 15.81 4.11
C LEU B 208 -14.94 16.23 3.78
N ASN B 209 -15.06 17.21 2.89
CA ASN B 209 -16.32 17.83 2.53
C ASN B 209 -16.29 18.10 1.03
N LEU B 210 -17.19 17.45 0.28
CA LEU B 210 -17.17 17.52 -1.18
C LEU B 210 -17.56 18.90 -1.72
N ASN B 211 -18.51 19.57 -1.07
CA ASN B 211 -18.89 20.96 -1.49
C ASN B 211 -17.79 21.99 -1.26
N ASN B 212 -16.82 21.68 -0.40
CA ASN B 212 -15.57 22.45 -0.30
C ASN B 212 -14.81 22.28 -1.62
N GLN B 213 -14.58 23.39 -2.33
CA GLN B 213 -14.09 23.34 -3.72
C GLN B 213 -12.64 22.87 -3.86
N SER B 214 -11.82 23.10 -2.84
CA SER B 214 -10.46 22.55 -2.78
C SER B 214 -10.45 21.02 -2.70
N HIS B 215 -11.45 20.46 -2.03
CA HIS B 215 -11.58 19.02 -1.84
C HIS B 215 -12.07 18.30 -3.11
N ARG B 216 -12.94 18.95 -3.88
CA ARG B 216 -13.32 18.47 -5.22
C ARG B 216 -12.09 18.23 -6.08
N ASP B 217 -11.20 19.23 -6.10
CA ASP B 217 -10.00 19.23 -6.94
C ASP B 217 -9.06 18.07 -6.59
N ARG B 218 -8.86 17.85 -5.29
CA ARG B 218 -8.07 16.71 -4.81
C ARG B 218 -8.71 15.37 -5.19
N VAL B 219 -10.02 15.27 -4.95
CA VAL B 219 -10.79 14.06 -5.27
C VAL B 219 -10.77 13.78 -6.78
N ILE B 220 -10.99 14.83 -7.57
CA ILE B 220 -10.91 14.76 -9.04
C ILE B 220 -9.52 14.29 -9.52
N GLY B 221 -8.47 14.85 -8.93
CA GLY B 221 -7.10 14.46 -9.26
C GLY B 221 -6.77 13.03 -8.90
N LEU B 222 -7.29 12.55 -7.77
CA LEU B 222 -7.13 11.16 -7.35
C LEU B 222 -7.88 10.22 -8.31
N MET B 223 -9.03 10.67 -8.82
CA MET B 223 -9.75 9.95 -9.87
C MET B 223 -8.97 9.93 -11.18
N MET B 224 -8.37 11.07 -11.52
CA MET B 224 -7.49 11.15 -12.69
C MET B 224 -6.28 10.23 -12.57
N THR B 225 -5.73 10.09 -11.35
CA THR B 225 -4.63 9.15 -11.09
C THR B 225 -5.10 7.70 -11.14
N ALA B 226 -6.30 7.44 -10.62
CA ALA B 226 -6.91 6.09 -10.69
C ALA B 226 -7.14 5.66 -12.14
N CYS B 227 -7.71 6.56 -12.93
CA CYS B 227 -7.92 6.31 -14.37
C CYS B 227 -6.60 6.10 -15.12
N ASP B 228 -5.58 6.90 -14.78
CA ASP B 228 -4.28 6.85 -15.46
C ASP B 228 -3.58 5.50 -15.27
N LEU B 229 -3.73 4.92 -14.09
CA LEU B 229 -3.11 3.63 -13.75
C LEU B 229 -4.01 2.42 -14.01
N CYS B 230 -5.14 2.60 -14.68
CA CYS B 230 -6.20 1.57 -14.75
C CYS B 230 -5.81 0.28 -15.50
N SER B 231 -4.66 0.28 -16.18
CA SER B 231 -4.07 -0.95 -16.71
C SER B 231 -3.82 -2.02 -15.63
N VAL B 232 -3.59 -1.59 -14.39
CA VAL B 232 -3.50 -2.51 -13.25
C VAL B 232 -4.84 -3.14 -12.80
N THR B 233 -5.96 -2.53 -13.19
CA THR B 233 -7.30 -2.99 -12.79
C THR B 233 -8.03 -3.84 -13.85
N LYS B 234 -7.29 -4.41 -14.81
CA LYS B 234 -7.88 -5.28 -15.84
C LYS B 234 -7.69 -6.74 -15.43
N LEU B 235 -8.13 -7.66 -16.28
CA LEU B 235 -7.90 -9.08 -16.04
C LEU B 235 -6.43 -9.41 -16.31
N TRP B 236 -5.95 -10.47 -15.66
CA TRP B 236 -4.53 -10.86 -15.68
C TRP B 236 -3.87 -10.95 -17.06
N PRO B 237 -4.57 -11.52 -18.08
CA PRO B 237 -4.00 -11.54 -19.44
C PRO B 237 -3.89 -10.16 -20.09
N VAL B 238 -4.84 -9.27 -19.78
CA VAL B 238 -4.81 -7.90 -20.29
C VAL B 238 -3.74 -7.06 -19.59
N THR B 239 -3.68 -7.15 -18.26
CA THR B 239 -2.74 -6.37 -17.45
C THR B 239 -1.27 -6.74 -17.72
N LYS B 240 -0.99 -8.03 -17.85
CA LYS B 240 0.38 -8.51 -18.13
C LYS B 240 0.94 -7.95 -19.43
N LEU B 241 0.12 -8.01 -20.49
CA LEU B 241 0.54 -7.54 -21.82
C LEU B 241 0.54 -6.02 -21.98
N THR B 242 -0.14 -5.30 -21.08
CA THR B 242 -0.04 -3.84 -21.01
C THR B 242 1.30 -3.40 -20.41
N ALA B 243 1.83 -4.21 -19.48
CA ALA B 243 3.14 -3.94 -18.88
C ALA B 243 4.30 -4.01 -19.88
N ASN B 244 4.17 -4.88 -20.89
CA ASN B 244 5.15 -4.99 -21.99
C ASN B 244 5.35 -3.67 -22.72
N ASP B 245 4.24 -2.96 -22.95
CA ASP B 245 4.26 -1.65 -23.62
C ASP B 245 4.84 -0.54 -22.73
N ILE B 246 4.55 -0.60 -21.43
CA ILE B 246 5.02 0.39 -20.45
C ILE B 246 6.55 0.36 -20.33
N TYR B 247 7.10 -0.82 -20.06
CA TYR B 247 8.54 -0.99 -19.89
C TYR B 247 9.34 -0.74 -21.18
N ALA B 248 8.75 -1.11 -22.33
CA ALA B 248 9.34 -0.83 -23.64
C ALA B 248 9.61 0.67 -23.87
N GLU B 249 8.73 1.52 -23.33
CA GLU B 249 8.90 2.98 -23.43
C GLU B 249 9.97 3.54 -22.50
N PHE B 250 10.09 2.98 -21.29
CA PHE B 250 11.16 3.35 -20.37
C PHE B 250 12.52 2.91 -20.89
N TRP B 251 12.57 1.70 -21.45
CA TRP B 251 13.79 1.19 -22.10
C TRP B 251 14.16 2.01 -23.34
N ALA B 252 13.15 2.50 -24.07
CA ALA B 252 13.37 3.42 -25.20
C ALA B 252 13.99 4.75 -24.77
N GLU B 253 13.57 5.27 -23.61
CA GLU B 253 14.17 6.46 -23.00
C GLU B 253 15.59 6.17 -22.50
N GLY B 254 15.75 5.05 -21.81
CA GLY B 254 17.05 4.63 -21.27
C GLY B 254 18.08 4.29 -22.31
N ASP B 255 17.64 3.75 -23.45
CA ASP B 255 18.52 3.56 -24.63
C ASP B 255 19.13 4.87 -25.14
N GLU B 256 18.35 5.96 -25.09
CA GLU B 256 18.86 7.29 -25.45
C GLU B 256 19.81 7.87 -24.40
N MET B 257 19.64 7.48 -23.15
CA MET B 257 20.61 7.82 -22.09
C MET B 257 21.94 7.06 -22.29
N LYS B 258 21.85 5.80 -22.76
CA LYS B 258 23.05 5.02 -23.15
C LYS B 258 23.78 5.61 -24.37
N LYS B 259 23.02 6.20 -25.30
CA LYS B 259 23.61 6.87 -26.47
C LYS B 259 24.40 8.15 -26.14
N LEU B 260 24.17 8.72 -24.93
CA LEU B 260 24.95 9.84 -24.42
C LEU B 260 25.92 9.41 -23.30
N GLY B 261 26.27 8.12 -23.26
CA GLY B 261 27.19 7.59 -22.25
C GLY B 261 26.64 7.34 -20.85
N ILE B 262 25.38 7.67 -20.60
CA ILE B 262 24.81 7.66 -19.25
C ILE B 262 24.12 6.33 -18.99
N GLN B 263 24.14 5.88 -17.75
CA GLN B 263 23.52 4.60 -17.38
C GLN B 263 22.12 4.88 -16.79
N PRO B 264 21.08 4.28 -17.40
CA PRO B 264 19.71 4.54 -16.93
C PRO B 264 19.39 3.76 -15.65
N ILE B 265 18.46 4.31 -14.86
CA ILE B 265 17.99 3.64 -13.64
C ILE B 265 17.27 2.32 -14.00
N PRO B 266 17.46 1.24 -13.20
CA PRO B 266 17.04 -0.13 -13.49
C PRO B 266 15.74 -0.37 -14.28
N MET B 267 14.68 0.39 -13.98
CA MET B 267 13.39 0.23 -14.69
C MET B 267 13.43 0.75 -16.14
N MET B 268 14.38 1.65 -16.41
CA MET B 268 14.62 2.17 -17.76
C MET B 268 15.84 1.49 -18.42
N ASP B 269 16.20 0.30 -17.94
CA ASP B 269 17.35 -0.46 -18.44
C ASP B 269 16.82 -1.81 -18.94
N ARG B 270 16.81 -2.00 -20.26
CA ARG B 270 16.26 -3.21 -20.88
C ARG B 270 16.98 -4.50 -20.47
N ASP B 271 18.30 -4.39 -20.30
CA ASP B 271 19.13 -5.55 -19.97
C ASP B 271 18.94 -6.03 -18.52
N LYS B 272 18.34 -5.19 -17.67
CA LYS B 272 17.89 -5.58 -16.33
C LYS B 272 16.36 -5.75 -16.30
N LYS B 273 15.86 -6.64 -17.15
CA LYS B 273 14.41 -6.90 -17.27
C LYS B 273 13.92 -8.02 -16.36
N ASP B 274 14.78 -8.54 -15.47
CA ASP B 274 14.43 -9.63 -14.56
C ASP B 274 13.81 -9.13 -13.26
N GLU B 275 14.06 -7.86 -12.91
CA GLU B 275 13.38 -7.20 -11.79
C GLU B 275 12.04 -6.56 -12.19
N VAL B 276 11.51 -6.90 -13.37
CA VAL B 276 10.19 -6.43 -13.81
C VAL B 276 9.04 -6.88 -12.88
N PRO B 277 8.98 -8.17 -12.50
CA PRO B 277 7.98 -8.61 -11.51
C PRO B 277 8.08 -7.87 -10.16
N GLN B 278 9.30 -7.80 -9.63
CA GLN B 278 9.58 -7.12 -8.36
C GLN B 278 9.36 -5.60 -8.45
N GLY B 279 9.55 -5.04 -9.64
CA GLY B 279 9.20 -3.64 -9.90
C GLY B 279 7.71 -3.39 -9.88
N GLN B 280 6.95 -4.34 -10.42
CA GLN B 280 5.49 -4.28 -10.40
C GLN B 280 4.93 -4.42 -8.99
N LEU B 281 5.44 -5.41 -8.26
CA LEU B 281 5.02 -5.65 -6.87
C LEU B 281 5.25 -4.41 -6.00
N GLY B 282 6.43 -3.81 -6.15
CA GLY B 282 6.75 -2.55 -5.46
C GLY B 282 5.87 -1.39 -5.87
N PHE B 283 5.54 -1.32 -7.16
CA PHE B 283 4.65 -0.27 -7.68
C PHE B 283 3.26 -0.37 -7.07
N TYR B 284 2.65 -1.55 -7.18
CA TYR B 284 1.28 -1.78 -6.70
C TYR B 284 1.14 -1.46 -5.21
N ASN B 285 2.15 -1.83 -4.43
CA ASN B 285 2.12 -1.63 -2.97
C ASN B 285 2.37 -0.18 -2.53
N ALA B 286 3.33 0.48 -3.18
CA ALA B 286 3.68 1.89 -2.87
C ALA B 286 2.74 2.92 -3.52
N VAL B 287 2.15 2.59 -4.66
CA VAL B 287 1.34 3.54 -5.44
C VAL B 287 -0.12 3.07 -5.57
N ALA B 288 -0.33 2.00 -6.34
CA ALA B 288 -1.68 1.62 -6.80
C ALA B 288 -2.65 1.29 -5.68
N ILE B 289 -2.22 0.46 -4.73
CA ILE B 289 -3.08 0.05 -3.62
C ILE B 289 -3.44 1.24 -2.71
N PRO B 290 -2.46 2.11 -2.38
CA PRO B 290 -2.85 3.37 -1.76
C PRO B 290 -3.82 4.23 -2.59
N CYS B 291 -3.62 4.29 -3.91
CA CYS B 291 -4.52 5.03 -4.81
C CYS B 291 -5.96 4.54 -4.76
N TYR B 292 -6.16 3.25 -5.00
CA TYR B 292 -7.51 2.66 -5.05
C TYR B 292 -8.13 2.43 -3.66
N THR B 293 -7.30 2.28 -2.62
CA THR B 293 -7.80 2.20 -1.24
C THR B 293 -8.37 3.53 -0.75
N THR B 294 -7.76 4.65 -1.15
CA THR B 294 -8.26 5.97 -0.77
C THR B 294 -9.49 6.36 -1.61
N LEU B 295 -9.43 6.09 -2.91
CA LEU B 295 -10.58 6.28 -3.82
C LEU B 295 -11.80 5.49 -3.38
N THR B 296 -11.59 4.24 -2.95
CA THR B 296 -12.66 3.38 -2.46
C THR B 296 -13.28 3.95 -1.18
N GLN B 297 -12.44 4.42 -0.26
CA GLN B 297 -12.92 5.08 0.96
C GLN B 297 -13.81 6.30 0.66
N ILE B 298 -13.40 7.12 -0.30
CA ILE B 298 -14.13 8.35 -0.66
C ILE B 298 -15.32 8.06 -1.59
N LEU B 299 -15.17 7.07 -2.48
CA LEU B 299 -16.21 6.66 -3.43
C LEU B 299 -16.34 5.13 -3.45
N PRO B 300 -17.10 4.55 -2.49
CA PRO B 300 -17.23 3.09 -2.35
C PRO B 300 -17.73 2.26 -3.56
N PRO B 301 -18.48 2.88 -4.50
CA PRO B 301 -18.78 2.16 -5.75
C PRO B 301 -17.59 1.88 -6.69
N THR B 302 -16.39 2.36 -6.33
CA THR B 302 -15.16 2.10 -7.10
C THR B 302 -14.31 0.94 -6.56
N GLU B 303 -14.86 0.12 -5.67
CA GLU B 303 -14.15 -1.03 -5.10
C GLU B 303 -13.69 -2.05 -6.15
N PRO B 304 -14.48 -2.24 -7.24
CA PRO B 304 -14.00 -3.17 -8.28
C PRO B 304 -12.63 -2.87 -8.89
N LEU B 305 -12.27 -1.58 -8.95
CA LEU B 305 -10.90 -1.19 -9.32
C LEU B 305 -9.89 -1.71 -8.30
N LEU B 306 -10.18 -1.50 -7.01
CA LEU B 306 -9.31 -1.98 -5.92
C LEU B 306 -9.17 -3.49 -5.93
N LYS B 307 -10.31 -4.20 -5.95
CA LYS B 307 -10.35 -5.67 -6.02
C LYS B 307 -9.48 -6.20 -7.16
N ALA B 308 -9.67 -5.62 -8.34
CA ALA B 308 -8.91 -5.99 -9.54
C ALA B 308 -7.40 -5.77 -9.32
N CYS B 309 -7.06 -4.61 -8.75
CA CYS B 309 -5.67 -4.29 -8.45
C CYS B 309 -5.09 -5.25 -7.40
N ARG B 310 -5.92 -5.63 -6.43
CA ARG B 310 -5.55 -6.66 -5.44
C ARG B 310 -5.36 -8.03 -6.08
N ASP B 311 -6.27 -8.42 -6.99
CA ASP B 311 -6.14 -9.67 -7.74
C ASP B 311 -4.85 -9.69 -8.54
N ASN B 312 -4.63 -8.64 -9.34
CA ASN B 312 -3.42 -8.51 -10.17
C ASN B 312 -2.12 -8.44 -9.36
N LEU B 313 -2.19 -7.90 -8.13
CA LEU B 313 -1.01 -7.89 -7.25
C LEU B 313 -0.57 -9.31 -6.87
N SER B 314 -1.55 -10.12 -6.46
CA SER B 314 -1.30 -11.52 -6.09
C SER B 314 -0.81 -12.38 -7.27
N GLN B 315 -1.17 -12.00 -8.50
CA GLN B 315 -0.64 -12.62 -9.71
C GLN B 315 0.85 -12.33 -9.84
N TRP B 316 1.21 -11.05 -9.72
CA TRP B 316 2.62 -10.62 -9.73
C TRP B 316 3.44 -11.25 -8.61
N GLU B 317 2.83 -11.41 -7.44
CA GLU B 317 3.47 -12.11 -6.31
C GLU B 317 3.78 -13.56 -6.68
N LYS B 318 2.81 -14.25 -7.28
CA LYS B 318 2.98 -15.64 -7.72
C LYS B 318 3.96 -15.80 -8.88
N VAL B 319 4.04 -14.79 -9.75
CA VAL B 319 5.05 -14.73 -10.83
C VAL B 319 6.47 -14.65 -10.25
N ILE B 320 6.64 -13.91 -9.16
CA ILE B 320 7.92 -13.81 -8.45
C ILE B 320 8.29 -15.12 -7.73
N ARG B 321 7.30 -15.78 -7.12
CA ARG B 321 7.53 -16.95 -6.25
C ARG B 321 7.87 -18.28 -6.97
N GLY B 322 7.78 -18.30 -8.30
CA GLY B 322 8.14 -19.46 -9.12
C GLY B 322 6.93 -20.21 -9.66
N GLU B 323 5.99 -19.45 -10.23
CA GLU B 323 4.71 -20.01 -10.68
C GLU B 323 4.23 -19.27 -11.93
ZN ZN C . 7.05 -4.52 17.54
MG MG D . 8.41 -2.61 20.75
ZN ZN E . -1.54 8.82 -18.96
MG MG F . 0.73 11.92 -18.63
C11 AEL G . 5.52 3.56 -13.36
C13 AEL G . 4.72 1.29 -13.88
O15 AEL G . 6.42 4.25 -12.96
C18 AEL G . 8.28 0.14 -11.63
C20 AEL G . 10.13 0.07 -10.44
C1 AEL G . 2.00 3.77 -14.70
C2 AEL G . 1.78 5.14 -14.54
C3 AEL G . 2.75 5.94 -14.03
C4 AEL G . 3.97 5.44 -13.68
C5 AEL G . 4.23 4.11 -13.81
C6 AEL G . 3.25 3.24 -14.31
C7 AEL G . 3.45 1.85 -14.34
C8 AEL G . 2.44 1.02 -14.75
C9 AEL G . 1.22 1.54 -15.14
C10 AEL G . 1.00 2.87 -15.13
N12 AEL G . 5.69 2.18 -13.43
O14 AEL G . 4.95 0.10 -13.87
C16 AEL G . 7.00 1.66 -13.08
C17 AEL G . 6.92 0.56 -12.05
N19 AEL G . 8.89 0.66 -10.52
C21 AEL G . 10.20 -0.78 -11.52
N22 AEL G . 9.04 -0.72 -12.27
C23 AEL G . 11.13 0.13 -9.48
C24 AEL G . 12.22 -0.69 -9.64
C25 AEL G . 12.34 -1.55 -10.74
C26 AEL G . 11.32 -1.58 -11.68
C27 AEL G . 8.34 1.50 -9.49
C28 AEL G . 8.04 0.98 -8.25
C29 AEL G . 7.59 1.84 -7.28
N30 AEL G . 7.43 3.13 -7.46
C31 AEL G . 7.73 3.62 -8.67
C32 AEL G . 8.19 2.85 -9.70
C33 AEL G . 13.58 -2.38 -10.92
#